data_2FLQ
#
_entry.id   2FLQ
#
_cell.length_a   154.013
_cell.length_b   118.721
_cell.length_c   49.761
_cell.angle_alpha   90.00
_cell.angle_beta   90.00
_cell.angle_gamma   90.00
#
_symmetry.space_group_name_H-M   'P 21 21 2'
#
loop_
_entity.id
_entity.type
_entity.pdbx_description
1 polymer 'Nitric Oxide Synthase'
2 non-polymer ARGININE
3 non-polymer 'PROTOPORPHYRIN IX CONTAINING FE'
4 water water
#
_entity_poly.entity_id   1
_entity_poly.type   'polypeptide(L)'
_entity_poly.pdbx_seq_one_letter_code
;MVTIESDKLRQHDEQLMTKAEQFIIASYRELGKSEQEIKRRVNEIRWEVEQTGTYRHTYEELSYGAKMAWRHSNRCIGRL
FWQSLHVIDAREAVTEEEVFSYLFHHIEVATNGGKIRPTITIFRPNGEVRIWNHQLIRYAGYETEEGIIGDSSSLTFTRA
CEQLGWKGEKTPFDVLPLVIQVGGQKPVWTPIPKELVLEVPIEHPEFPWFRDLQLKWYAVPIISDMCLEIGGIRYMAAPF
NGWYMGTEIGARNFADDYRYNMLPKVASCMGLDTNSNASLWKDKALVELNIAVLYSYKKAGVSIVDHHTAARQFQLFEQQ
EKAAGRHVTGDWTWLIPPLSPATTHIFHRSYDNTMMLPNFFYQDRPYEPQRGEEQ
;
_entity_poly.pdbx_strand_id   A,B
#
loop_
_chem_comp.id
_chem_comp.type
_chem_comp.name
_chem_comp.formula
HEM non-polymer 'PROTOPORPHYRIN IX CONTAINING FE' 'C34 H32 Fe N4 O4'
#
# COMPACT_ATOMS: atom_id res chain seq x y z
N ARG A 10 43.32 -4.92 9.49
CA ARG A 10 42.28 -4.48 8.52
C ARG A 10 40.91 -5.00 8.96
N GLN A 11 39.87 -4.26 8.60
CA GLN A 11 38.52 -4.65 8.97
C GLN A 11 37.57 -4.82 7.79
N HIS A 12 38.15 -4.86 6.59
CA HIS A 12 37.37 -5.07 5.40
C HIS A 12 37.50 -6.58 5.16
N ASP A 13 38.70 -7.09 5.44
CA ASP A 13 39.00 -8.51 5.27
C ASP A 13 38.45 -9.31 6.44
N GLU A 14 38.03 -8.60 7.48
CA GLU A 14 37.48 -9.23 8.66
C GLU A 14 35.99 -9.48 8.39
N GLN A 15 35.31 -8.43 7.93
CA GLN A 15 33.90 -8.54 7.61
C GLN A 15 33.77 -9.42 6.37
N LEU A 16 34.29 -8.96 5.22
CA LEU A 16 34.23 -9.72 3.97
C LEU A 16 34.39 -11.22 4.20
N MET A 17 35.24 -11.59 5.15
CA MET A 17 35.47 -13.00 5.45
C MET A 17 34.19 -13.62 5.98
N THR A 18 33.56 -12.94 6.93
CA THR A 18 32.32 -13.41 7.52
C THR A 18 31.25 -13.59 6.42
N LYS A 19 30.99 -12.52 5.68
CA LYS A 19 30.00 -12.54 4.60
C LYS A 19 30.25 -13.74 3.70
N ALA A 20 31.52 -13.96 3.36
CA ALA A 20 31.89 -15.09 2.51
C ALA A 20 31.54 -16.43 3.16
N GLU A 21 31.93 -16.57 4.43
CA GLU A 21 31.71 -17.77 5.22
C GLU A 21 30.24 -18.16 5.39
N GLN A 22 29.37 -17.17 5.60
CA GLN A 22 27.94 -17.45 5.74
C GLN A 22 27.31 -17.69 4.37
N PHE A 23 27.95 -17.18 3.32
CA PHE A 23 27.44 -17.38 1.98
C PHE A 23 27.63 -18.84 1.66
N ILE A 24 28.89 -19.25 1.55
CA ILE A 24 29.23 -20.63 1.24
C ILE A 24 28.44 -21.62 2.05
N ILE A 25 28.14 -21.28 3.31
CA ILE A 25 27.42 -22.19 4.18
C ILE A 25 26.00 -22.52 3.73
N ALA A 26 25.18 -21.51 3.49
CA ALA A 26 23.82 -21.77 3.06
C ALA A 26 23.85 -22.09 1.57
N SER A 27 24.78 -21.47 0.87
CA SER A 27 24.97 -21.67 -0.56
C SER A 27 25.19 -23.13 -0.89
N TYR A 28 26.35 -23.61 -0.48
CA TYR A 28 26.69 -25.01 -0.72
C TYR A 28 25.66 -25.93 -0.08
N ARG A 29 25.14 -25.53 1.07
CA ARG A 29 24.17 -26.35 1.79
C ARG A 29 22.81 -26.53 1.11
N GLU A 30 22.37 -25.51 0.38
CA GLU A 30 21.09 -25.62 -0.32
C GLU A 30 21.35 -26.43 -1.57
N LEU A 31 22.59 -26.34 -2.04
CA LEU A 31 23.06 -27.05 -3.21
C LEU A 31 23.14 -28.55 -2.89
N GLY A 32 23.07 -28.85 -1.60
CA GLY A 32 23.15 -30.23 -1.17
C GLY A 32 24.55 -30.72 -1.46
N LYS A 33 25.54 -29.91 -1.10
CA LYS A 33 26.94 -30.22 -1.32
C LYS A 33 27.51 -31.17 -0.28
N SER A 34 28.07 -30.63 0.78
CA SER A 34 28.67 -31.44 1.84
C SER A 34 29.14 -30.51 2.95
N GLU A 35 29.81 -31.07 3.95
CA GLU A 35 30.31 -30.27 5.05
C GLU A 35 31.81 -30.10 4.95
N GLN A 36 32.44 -31.02 4.23
CA GLN A 36 33.88 -30.99 4.03
C GLN A 36 34.22 -29.93 3.00
N GLU A 37 33.58 -30.02 1.83
CA GLU A 37 33.82 -29.08 0.74
C GLU A 37 33.46 -27.64 1.08
N ILE A 38 32.84 -27.45 2.23
CA ILE A 38 32.48 -26.12 2.69
C ILE A 38 33.74 -25.51 3.29
N LYS A 39 34.34 -26.24 4.24
CA LYS A 39 35.57 -25.77 4.87
C LYS A 39 36.67 -25.74 3.82
N ARG A 40 36.63 -26.71 2.91
CA ARG A 40 37.63 -26.80 1.85
C ARG A 40 37.59 -25.47 1.10
N ARG A 41 36.37 -25.01 0.82
CA ARG A 41 36.16 -23.76 0.11
C ARG A 41 36.41 -22.52 0.99
N VAL A 42 35.93 -22.51 2.22
CA VAL A 42 36.17 -21.36 3.08
C VAL A 42 37.68 -21.21 3.27
N ASN A 43 38.38 -22.34 3.24
CA ASN A 43 39.83 -22.33 3.38
C ASN A 43 40.42 -21.53 2.22
N GLU A 44 40.23 -22.01 0.99
CA GLU A 44 40.76 -21.30 -0.18
C GLU A 44 40.46 -19.80 -0.08
N ILE A 45 39.29 -19.47 0.45
CA ILE A 45 38.87 -18.07 0.57
C ILE A 45 39.62 -17.26 1.64
N ARG A 46 39.96 -17.89 2.76
CA ARG A 46 40.70 -17.18 3.81
C ARG A 46 42.11 -16.94 3.30
N TRP A 47 42.73 -17.97 2.76
CA TRP A 47 44.08 -17.87 2.22
C TRP A 47 44.12 -16.78 1.16
N GLU A 48 43.16 -16.82 0.24
CA GLU A 48 43.10 -15.84 -0.84
C GLU A 48 42.75 -14.42 -0.40
N VAL A 49 41.79 -14.26 0.50
CA VAL A 49 41.43 -12.91 0.94
C VAL A 49 42.63 -12.25 1.57
N GLU A 50 43.55 -13.04 2.09
CA GLU A 50 44.72 -12.47 2.71
C GLU A 50 45.84 -12.13 1.73
N GLN A 51 46.36 -13.13 1.03
CA GLN A 51 47.43 -12.91 0.07
C GLN A 51 47.08 -11.88 -1.00
N THR A 52 45.79 -11.77 -1.35
CA THR A 52 45.36 -10.83 -2.39
C THR A 52 44.37 -9.73 -1.99
N GLY A 53 43.71 -9.88 -0.84
CA GLY A 53 42.78 -8.83 -0.39
C GLY A 53 41.30 -8.93 -0.71
N THR A 54 40.90 -9.99 -1.41
CA THR A 54 39.51 -10.23 -1.78
C THR A 54 39.57 -11.62 -2.39
N TYR A 55 38.43 -12.22 -2.72
CA TYR A 55 38.45 -13.53 -3.34
C TYR A 55 37.59 -13.47 -4.57
N ARG A 56 37.47 -14.60 -5.25
CA ARG A 56 36.74 -14.72 -6.49
C ARG A 56 35.76 -15.88 -6.43
N HIS A 57 34.60 -15.74 -7.08
CA HIS A 57 33.57 -16.78 -7.04
C HIS A 57 33.71 -17.83 -8.14
N THR A 58 32.88 -18.86 -8.08
CA THR A 58 32.85 -19.91 -9.09
C THR A 58 31.59 -19.65 -9.92
N TYR A 59 31.33 -20.47 -10.95
CA TYR A 59 30.11 -20.27 -11.70
C TYR A 59 29.12 -21.32 -11.24
N GLU A 60 28.63 -21.13 -10.02
CA GLU A 60 27.67 -22.00 -9.37
C GLU A 60 27.58 -21.22 -8.08
N GLU A 61 28.51 -20.27 -7.98
CA GLU A 61 28.60 -19.38 -6.85
C GLU A 61 27.86 -18.13 -7.29
N LEU A 62 28.26 -17.56 -8.43
CA LEU A 62 27.59 -16.38 -8.96
C LEU A 62 26.23 -16.84 -9.48
N SER A 63 26.25 -17.92 -10.25
CA SER A 63 25.05 -18.50 -10.82
C SER A 63 23.98 -18.67 -9.74
N TYR A 64 24.20 -19.61 -8.84
CA TYR A 64 23.23 -19.85 -7.79
C TYR A 64 23.14 -18.66 -6.87
N GLY A 65 24.25 -17.92 -6.75
CA GLY A 65 24.24 -16.75 -5.89
C GLY A 65 23.37 -15.64 -6.42
N ALA A 66 23.28 -15.57 -7.75
CA ALA A 66 22.47 -14.57 -8.44
C ALA A 66 21.01 -14.89 -8.17
N LYS A 67 20.67 -16.14 -8.37
CA LYS A 67 19.32 -16.62 -8.16
C LYS A 67 18.90 -16.43 -6.70
N MET A 68 19.86 -16.47 -5.77
CA MET A 68 19.55 -16.29 -4.35
C MET A 68 19.25 -14.82 -4.04
N ALA A 69 19.86 -13.93 -4.81
CA ALA A 69 19.68 -12.50 -4.63
C ALA A 69 18.29 -12.08 -5.10
N TRP A 70 17.82 -12.78 -6.13
CA TRP A 70 16.51 -12.51 -6.69
C TRP A 70 15.47 -13.11 -5.77
N ARG A 71 15.78 -14.26 -5.20
CA ARG A 71 14.84 -14.88 -4.29
C ARG A 71 14.67 -13.96 -3.11
N HIS A 72 15.78 -13.38 -2.68
CA HIS A 72 15.79 -12.50 -1.52
C HIS A 72 15.37 -11.04 -1.74
N SER A 73 14.80 -10.75 -2.90
CA SER A 73 14.34 -9.40 -3.23
C SER A 73 12.94 -9.12 -2.68
N ASN A 74 12.90 -8.50 -1.50
CA ASN A 74 11.65 -8.19 -0.82
C ASN A 74 10.62 -7.46 -1.64
N ARG A 75 11.09 -6.51 -2.45
CA ARG A 75 10.17 -5.71 -3.27
C ARG A 75 9.71 -6.33 -4.57
N CYS A 76 9.98 -7.62 -4.76
CA CYS A 76 9.56 -8.27 -5.99
C CYS A 76 8.43 -9.24 -5.81
N ILE A 77 7.43 -9.12 -6.68
CA ILE A 77 6.25 -9.98 -6.61
C ILE A 77 6.43 -11.26 -7.41
N GLY A 78 7.20 -11.20 -8.48
CA GLY A 78 7.39 -12.38 -9.29
C GLY A 78 8.65 -13.16 -8.96
N ARG A 79 8.77 -13.62 -7.73
CA ARG A 79 9.97 -14.37 -7.37
C ARG A 79 9.86 -15.86 -7.61
N LEU A 80 8.65 -16.33 -7.93
CA LEU A 80 8.43 -17.75 -8.17
C LEU A 80 9.58 -18.36 -8.98
N PHE A 81 9.77 -17.83 -10.19
CA PHE A 81 10.78 -18.33 -11.12
C PHE A 81 12.20 -17.93 -10.80
N TRP A 82 12.54 -17.83 -9.52
CA TRP A 82 13.90 -17.43 -9.15
C TRP A 82 14.98 -18.41 -9.59
N GLN A 83 14.67 -19.70 -9.58
CA GLN A 83 15.67 -20.68 -9.99
C GLN A 83 15.97 -20.68 -11.49
N SER A 84 14.98 -20.30 -12.29
CA SER A 84 15.12 -20.28 -13.73
C SER A 84 15.89 -19.08 -14.32
N LEU A 85 16.76 -18.47 -13.53
CA LEU A 85 17.52 -17.31 -13.99
C LEU A 85 18.76 -17.69 -14.84
N HIS A 86 18.85 -17.15 -16.05
CA HIS A 86 20.00 -17.41 -16.92
C HIS A 86 21.08 -16.40 -16.53
N VAL A 87 22.13 -16.89 -15.87
CA VAL A 87 23.24 -16.04 -15.44
C VAL A 87 24.36 -16.08 -16.49
N ILE A 88 25.00 -14.94 -16.74
CA ILE A 88 26.08 -14.86 -17.69
C ILE A 88 27.33 -14.32 -17.00
N ASP A 89 28.47 -14.96 -17.20
CA ASP A 89 29.70 -14.51 -16.55
C ASP A 89 30.44 -13.55 -17.49
N ALA A 90 30.26 -12.26 -17.25
CA ALA A 90 30.89 -11.23 -18.05
C ALA A 90 32.06 -10.64 -17.30
N ARG A 91 32.53 -11.36 -16.30
CA ARG A 91 33.65 -10.93 -15.47
C ARG A 91 34.95 -10.70 -16.22
N GLU A 92 35.23 -11.55 -17.23
CA GLU A 92 36.47 -11.45 -17.96
C GLU A 92 36.55 -10.23 -18.89
N ALA A 93 35.59 -9.32 -18.72
CA ALA A 93 35.55 -8.13 -19.55
C ALA A 93 36.39 -7.06 -18.89
N VAL A 94 37.32 -6.48 -19.64
CA VAL A 94 38.20 -5.45 -19.10
C VAL A 94 38.26 -4.23 -20.00
N THR A 95 37.77 -4.38 -21.22
CA THR A 95 37.77 -3.27 -22.18
C THR A 95 36.38 -2.70 -22.38
N GLU A 96 36.33 -1.42 -22.74
CA GLU A 96 35.06 -0.73 -22.96
C GLU A 96 34.31 -1.34 -24.14
N GLU A 97 35.06 -1.82 -25.14
CA GLU A 97 34.43 -2.43 -26.30
C GLU A 97 33.72 -3.67 -25.79
N GLU A 98 34.47 -4.51 -25.08
CA GLU A 98 33.96 -5.76 -24.50
C GLU A 98 32.71 -5.54 -23.67
N VAL A 99 32.79 -4.62 -22.72
CA VAL A 99 31.64 -4.35 -21.88
C VAL A 99 30.42 -4.17 -22.77
N PHE A 100 30.48 -3.18 -23.66
CA PHE A 100 29.39 -2.89 -24.58
C PHE A 100 28.74 -4.11 -25.20
N SER A 101 29.52 -5.01 -25.79
CA SER A 101 28.96 -6.20 -26.44
C SER A 101 28.12 -7.10 -25.52
N TYR A 102 28.59 -7.31 -24.29
CA TYR A 102 27.85 -8.13 -23.33
C TYR A 102 26.51 -7.47 -23.03
N LEU A 103 26.52 -6.13 -23.14
CA LEU A 103 25.33 -5.32 -22.90
C LEU A 103 24.40 -5.38 -24.11
N PHE A 104 24.95 -5.56 -25.31
CA PHE A 104 24.11 -5.64 -26.50
C PHE A 104 23.58 -7.03 -26.54
N HIS A 105 24.38 -7.97 -26.02
CA HIS A 105 24.00 -9.36 -25.96
C HIS A 105 22.83 -9.54 -24.98
N HIS A 106 23.06 -9.11 -23.74
CA HIS A 106 22.04 -9.22 -22.69
C HIS A 106 20.69 -8.82 -23.24
N ILE A 107 20.65 -7.65 -23.89
CA ILE A 107 19.43 -7.16 -24.49
C ILE A 107 18.87 -8.27 -25.37
N GLU A 108 19.66 -8.65 -26.36
CA GLU A 108 19.26 -9.70 -27.29
C GLU A 108 18.71 -10.87 -26.48
N VAL A 109 19.59 -11.77 -26.06
CA VAL A 109 19.19 -12.96 -25.29
C VAL A 109 17.97 -12.76 -24.40
N ALA A 110 17.94 -11.62 -23.71
CA ALA A 110 16.87 -11.28 -22.80
C ALA A 110 15.55 -11.13 -23.57
N THR A 111 15.59 -10.37 -24.68
CA THR A 111 14.39 -10.19 -25.50
C THR A 111 13.97 -11.55 -26.02
N ASN A 112 14.87 -12.20 -26.75
CA ASN A 112 14.57 -13.50 -27.31
C ASN A 112 13.44 -13.35 -28.33
N GLY A 113 13.56 -12.28 -29.11
CA GLY A 113 12.57 -11.99 -30.14
C GLY A 113 11.18 -12.28 -29.63
N GLY A 114 10.88 -11.85 -28.41
CA GLY A 114 9.56 -12.08 -27.86
C GLY A 114 9.49 -12.76 -26.50
N LYS A 115 9.51 -14.09 -26.48
CA LYS A 115 9.45 -14.82 -25.23
C LYS A 115 10.66 -14.49 -24.36
N ILE A 116 10.57 -13.31 -23.76
CA ILE A 116 11.57 -12.72 -22.87
C ILE A 116 12.12 -13.71 -21.85
N ARG A 117 13.44 -13.73 -21.73
CA ARG A 117 14.15 -14.62 -20.82
C ARG A 117 14.62 -13.86 -19.58
N PRO A 118 14.42 -14.44 -18.40
CA PRO A 118 14.87 -13.73 -17.19
C PRO A 118 16.36 -13.98 -17.10
N THR A 119 17.16 -12.94 -17.34
CA THR A 119 18.62 -13.11 -17.31
C THR A 119 19.44 -12.02 -16.63
N ILE A 120 20.52 -12.44 -15.95
CA ILE A 120 21.43 -11.54 -15.27
C ILE A 120 22.83 -11.74 -15.80
N THR A 121 23.56 -10.65 -15.96
CA THR A 121 24.92 -10.70 -16.47
C THR A 121 25.88 -9.99 -15.53
N ILE A 122 26.67 -10.76 -14.78
CA ILE A 122 27.62 -10.16 -13.84
C ILE A 122 28.84 -9.61 -14.57
N PHE A 123 29.48 -8.64 -13.95
CA PHE A 123 30.67 -8.01 -14.53
C PHE A 123 31.75 -7.95 -13.48
N ARG A 124 32.93 -7.52 -13.89
CA ARG A 124 34.02 -7.43 -12.94
C ARG A 124 33.44 -6.62 -11.77
N PRO A 125 33.60 -7.12 -10.54
CA PRO A 125 33.11 -6.50 -9.31
C PRO A 125 33.93 -5.33 -8.81
N ASN A 126 33.59 -4.87 -7.60
CA ASN A 126 34.30 -3.80 -6.90
C ASN A 126 34.26 -2.49 -7.71
N GLY A 127 33.47 -2.34 -8.65
CA GLY A 127 33.47 -1.12 -9.45
C GLY A 127 34.48 -1.01 -10.57
N GLU A 128 35.03 -2.13 -11.03
CA GLU A 128 35.99 -2.08 -12.14
C GLU A 128 35.23 -1.78 -13.43
N VAL A 129 33.91 -2.01 -13.36
CA VAL A 129 32.98 -1.74 -14.44
C VAL A 129 31.84 -1.06 -13.72
N ARG A 130 31.13 -0.17 -14.40
CA ARG A 130 30.03 0.53 -13.75
C ARG A 130 29.12 1.14 -14.79
N ILE A 131 28.02 0.48 -15.05
CA ILE A 131 27.06 0.98 -16.03
C ILE A 131 26.27 2.07 -15.34
N TRP A 132 25.96 3.13 -16.07
CA TRP A 132 25.24 4.25 -15.50
C TRP A 132 23.71 4.19 -15.58
N ASN A 133 23.18 3.71 -16.71
CA ASN A 133 21.72 3.64 -16.92
C ASN A 133 20.92 2.90 -15.86
N HIS A 134 19.73 3.42 -15.57
CA HIS A 134 18.84 2.79 -14.61
C HIS A 134 18.45 1.53 -15.34
N GLN A 135 17.90 1.71 -16.54
CA GLN A 135 17.53 0.59 -17.37
C GLN A 135 18.24 0.73 -18.70
N LEU A 136 18.71 -0.41 -19.22
CA LEU A 136 19.44 -0.45 -20.49
C LEU A 136 18.63 0.22 -21.59
N ILE A 137 17.37 -0.16 -21.69
CA ILE A 137 16.46 0.43 -22.66
C ILE A 137 15.69 1.32 -21.71
N ARG A 138 15.38 2.53 -22.17
CA ARG A 138 14.67 3.49 -21.34
C ARG A 138 14.41 4.73 -22.19
N TYR A 139 13.28 5.39 -21.99
CA TYR A 139 12.99 6.57 -22.77
C TYR A 139 13.61 7.83 -22.15
N ALA A 140 14.04 8.74 -23.01
CA ALA A 140 14.69 9.97 -22.59
C ALA A 140 13.79 10.96 -21.86
N GLY A 141 14.43 11.85 -21.11
CA GLY A 141 13.71 12.89 -20.37
C GLY A 141 14.25 14.27 -20.71
N TYR A 142 13.35 15.20 -21.01
CA TYR A 142 13.73 16.56 -21.37
C TYR A 142 12.80 17.59 -20.74
N GLU A 143 13.33 18.77 -20.43
CA GLU A 143 12.46 19.84 -19.96
C GLU A 143 12.78 21.01 -20.87
N THR A 144 11.88 21.24 -21.83
CA THR A 144 12.05 22.31 -22.80
C THR A 144 11.35 23.59 -22.36
N GLU A 145 11.64 24.68 -23.07
CA GLU A 145 11.07 26.00 -22.79
C GLU A 145 9.78 25.82 -22.03
N GLU A 146 8.78 25.22 -22.65
CA GLU A 146 7.56 24.95 -21.92
C GLU A 146 7.09 23.58 -22.33
N GLY A 147 6.92 22.73 -21.33
CA GLY A 147 6.49 21.36 -21.55
C GLY A 147 7.60 20.39 -21.13
N ILE A 148 7.20 19.27 -20.54
CA ILE A 148 8.15 18.25 -20.10
C ILE A 148 8.03 17.14 -21.12
N ILE A 149 9.09 16.94 -21.89
CA ILE A 149 9.06 15.91 -22.93
C ILE A 149 9.72 14.60 -22.56
N GLY A 150 9.00 13.50 -22.75
CA GLY A 150 9.55 12.19 -22.45
C GLY A 150 9.18 11.59 -21.13
N ASP A 151 10.11 10.85 -20.54
CA ASP A 151 9.90 10.20 -19.25
C ASP A 151 10.57 11.06 -18.17
N SER A 152 9.75 11.81 -17.41
CA SER A 152 10.27 12.69 -16.38
C SER A 152 11.33 12.07 -15.49
N SER A 153 11.23 10.76 -15.29
CA SER A 153 12.18 10.01 -14.47
C SER A 153 13.38 9.56 -15.29
N SER A 154 13.86 10.44 -16.15
CA SER A 154 15.02 10.17 -17.01
C SER A 154 15.73 11.49 -17.23
N LEU A 155 15.11 12.54 -16.73
CA LEU A 155 15.64 13.88 -16.85
C LEU A 155 17.13 13.95 -16.58
N THR A 156 17.49 13.87 -15.31
CA THR A 156 18.88 13.92 -14.89
C THR A 156 19.82 13.11 -15.80
N PHE A 157 19.49 11.85 -16.04
CA PHE A 157 20.34 11.01 -16.87
C PHE A 157 20.53 11.59 -18.27
N THR A 158 19.43 11.97 -18.93
CA THR A 158 19.52 12.54 -20.27
C THR A 158 20.43 13.75 -20.26
N ARG A 159 20.14 14.66 -19.34
CA ARG A 159 20.91 15.88 -19.17
C ARG A 159 22.39 15.52 -18.94
N ALA A 160 22.68 14.24 -18.78
CA ALA A 160 24.05 13.77 -18.56
C ALA A 160 24.54 13.22 -19.87
N CYS A 161 23.64 12.62 -20.61
CA CYS A 161 24.02 12.07 -21.90
C CYS A 161 24.28 13.25 -22.81
N GLU A 162 23.33 14.19 -22.81
CA GLU A 162 23.44 15.38 -23.62
C GLU A 162 24.80 16.05 -23.41
N GLN A 163 25.18 16.20 -22.14
CA GLN A 163 26.44 16.84 -21.74
C GLN A 163 27.67 16.11 -22.27
N LEU A 164 27.48 14.87 -22.74
CA LEU A 164 28.57 14.06 -23.26
C LEU A 164 28.54 13.98 -24.77
N GLY A 165 27.88 14.95 -25.39
CA GLY A 165 27.81 14.99 -26.84
C GLY A 165 26.60 14.37 -27.49
N TRP A 166 25.82 13.61 -26.73
CA TRP A 166 24.62 12.96 -27.26
C TRP A 166 23.49 13.99 -27.47
N LYS A 167 22.60 13.68 -28.42
CA LYS A 167 21.46 14.54 -28.72
C LYS A 167 20.34 13.63 -29.22
N GLY A 168 19.11 13.91 -28.82
CA GLY A 168 17.96 13.11 -29.24
C GLY A 168 17.08 13.81 -30.26
N GLU A 169 15.96 13.20 -30.63
CA GLU A 169 15.06 13.85 -31.59
C GLU A 169 14.08 14.68 -30.79
N LYS A 170 14.04 14.44 -29.49
CA LYS A 170 13.12 15.12 -28.58
C LYS A 170 11.68 14.73 -28.86
N THR A 171 11.45 13.42 -28.93
CA THR A 171 10.12 12.90 -29.15
C THR A 171 9.83 12.26 -27.82
N PRO A 172 8.55 12.00 -27.51
CA PRO A 172 8.23 11.39 -26.22
C PRO A 172 8.79 9.97 -26.04
N PHE A 173 9.43 9.45 -27.07
CA PHE A 173 9.98 8.11 -26.99
C PHE A 173 11.36 7.95 -27.62
N ASP A 174 12.30 8.82 -27.24
CA ASP A 174 13.65 8.71 -27.78
C ASP A 174 14.37 7.64 -26.98
N VAL A 175 14.95 6.66 -27.65
CA VAL A 175 15.67 5.60 -26.93
C VAL A 175 17.04 6.12 -26.49
N LEU A 176 17.24 6.18 -25.19
CA LEU A 176 18.49 6.64 -24.59
C LEU A 176 19.63 5.70 -25.00
N PRO A 177 20.89 6.17 -24.86
CA PRO A 177 22.06 5.35 -25.22
C PRO A 177 22.79 4.69 -24.02
N LEU A 178 23.45 3.57 -24.28
CA LEU A 178 24.20 2.90 -23.22
C LEU A 178 25.37 3.81 -22.90
N VAL A 179 25.64 3.99 -21.63
CA VAL A 179 26.76 4.84 -21.24
C VAL A 179 27.36 4.28 -19.97
N ILE A 180 28.51 3.64 -20.15
CA ILE A 180 29.22 3.02 -19.06
C ILE A 180 30.57 3.67 -18.80
N GLN A 181 31.13 3.36 -17.63
CA GLN A 181 32.41 3.88 -17.17
C GLN A 181 33.22 2.63 -16.82
N VAL A 182 34.45 2.51 -17.29
CA VAL A 182 35.26 1.34 -16.95
C VAL A 182 36.49 1.73 -16.14
N GLY A 183 37.46 0.84 -16.00
CA GLY A 183 38.67 1.11 -15.23
C GLY A 183 38.94 2.44 -14.52
N GLY A 184 38.42 3.55 -15.05
CA GLY A 184 38.66 4.83 -14.41
C GLY A 184 37.88 6.04 -14.92
N GLN A 185 38.52 6.82 -15.79
CA GLN A 185 37.98 8.07 -16.36
C GLN A 185 36.53 8.51 -16.12
N LYS A 186 35.72 8.48 -17.17
CA LYS A 186 34.32 8.88 -17.03
C LYS A 186 33.56 7.98 -17.97
N PRO A 187 32.66 8.52 -18.79
CA PRO A 187 32.09 7.43 -19.59
C PRO A 187 32.19 7.60 -21.07
N VAL A 188 31.47 6.74 -21.77
CA VAL A 188 31.38 6.75 -23.22
C VAL A 188 30.02 6.16 -23.43
N TRP A 189 29.42 6.49 -24.55
CA TRP A 189 28.11 5.93 -24.82
C TRP A 189 28.11 5.36 -26.21
N THR A 190 27.07 4.61 -26.54
CA THR A 190 26.96 4.04 -27.85
C THR A 190 25.48 4.01 -28.17
N PRO A 191 25.08 4.65 -29.26
CA PRO A 191 23.65 4.59 -29.53
C PRO A 191 23.31 3.11 -29.55
N ILE A 192 22.14 2.74 -29.07
CA ILE A 192 21.77 1.34 -29.04
C ILE A 192 20.90 1.02 -30.25
N PRO A 193 21.39 0.17 -31.14
CA PRO A 193 20.78 -0.31 -32.38
C PRO A 193 19.26 -0.13 -32.47
N LYS A 194 18.80 0.53 -33.52
CA LYS A 194 17.37 0.77 -33.71
C LYS A 194 16.64 -0.56 -33.86
N GLU A 195 17.35 -1.54 -34.40
CA GLU A 195 16.79 -2.86 -34.63
C GLU A 195 17.11 -3.85 -33.52
N LEU A 196 17.52 -3.34 -32.37
CA LEU A 196 17.83 -4.19 -31.23
C LEU A 196 16.73 -3.98 -30.20
N VAL A 197 16.18 -2.77 -30.19
CA VAL A 197 15.10 -2.40 -29.28
C VAL A 197 13.70 -2.73 -29.81
N LEU A 198 13.18 -3.86 -29.34
CA LEU A 198 11.86 -4.35 -29.70
C LEU A 198 10.83 -3.53 -28.94
N GLU A 199 9.80 -3.08 -29.64
CA GLU A 199 8.77 -2.26 -29.03
C GLU A 199 7.36 -2.79 -29.23
N VAL A 200 6.43 -2.26 -28.45
CA VAL A 200 5.04 -2.68 -28.53
C VAL A 200 4.10 -1.49 -28.63
N PRO A 201 3.30 -1.40 -29.70
CA PRO A 201 2.37 -0.30 -29.85
C PRO A 201 1.08 -0.61 -29.11
N ILE A 202 0.61 0.37 -28.35
CA ILE A 202 -0.59 0.21 -27.56
C ILE A 202 -1.86 0.34 -28.39
N GLU A 203 -2.70 -0.68 -28.29
CA GLU A 203 -3.96 -0.71 -28.98
C GLU A 203 -4.93 -1.34 -28.00
N HIS A 204 -6.18 -0.92 -28.06
CA HIS A 204 -7.20 -1.48 -27.18
C HIS A 204 -8.07 -2.34 -28.08
N PRO A 205 -8.49 -3.51 -27.59
CA PRO A 205 -9.34 -4.39 -28.40
C PRO A 205 -10.78 -3.95 -28.63
N GLU A 206 -11.27 -2.98 -27.85
CA GLU A 206 -12.65 -2.54 -28.01
C GLU A 206 -12.80 -1.07 -28.38
N PHE A 207 -11.70 -0.34 -28.37
CA PHE A 207 -11.72 1.08 -28.72
C PHE A 207 -10.67 1.36 -29.78
N PRO A 208 -11.04 1.33 -31.07
CA PRO A 208 -10.03 1.58 -32.11
C PRO A 208 -9.22 2.88 -32.02
N TRP A 209 -9.83 3.96 -31.53
CA TRP A 209 -9.14 5.25 -31.42
C TRP A 209 -7.95 5.20 -30.47
N PHE A 210 -7.89 4.16 -29.64
CA PHE A 210 -6.83 4.02 -28.66
C PHE A 210 -5.44 4.11 -29.24
N ARG A 211 -5.32 4.15 -30.57
CA ARG A 211 -4.00 4.24 -31.17
C ARG A 211 -3.71 5.65 -31.65
N ASP A 212 -4.74 6.48 -31.76
CA ASP A 212 -4.51 7.84 -32.18
C ASP A 212 -3.74 8.48 -31.03
N LEU A 213 -3.79 7.81 -29.88
CA LEU A 213 -3.10 8.25 -28.67
C LEU A 213 -1.61 8.03 -28.86
N GLN A 214 -1.25 7.50 -30.02
CA GLN A 214 0.12 7.22 -30.40
C GLN A 214 1.03 6.83 -29.25
N LEU A 215 0.65 5.78 -28.53
CA LEU A 215 1.41 5.30 -27.39
C LEU A 215 2.18 4.03 -27.70
N LYS A 216 3.32 3.84 -27.03
CA LYS A 216 4.11 2.63 -27.20
C LYS A 216 5.09 2.45 -26.05
N TRP A 217 5.56 1.24 -25.87
CA TRP A 217 6.50 0.95 -24.80
C TRP A 217 7.41 -0.20 -25.23
N TYR A 218 8.59 -0.27 -24.62
CA TYR A 218 9.55 -1.30 -24.93
C TYR A 218 9.19 -2.59 -24.23
N ALA A 219 9.75 -3.69 -24.72
CA ALA A 219 9.48 -5.02 -24.18
C ALA A 219 10.14 -5.42 -22.86
N VAL A 220 11.47 -5.43 -22.84
CA VAL A 220 12.18 -5.86 -21.65
C VAL A 220 12.77 -4.75 -20.78
N PRO A 221 12.43 -4.76 -19.48
CA PRO A 221 12.93 -3.76 -18.55
C PRO A 221 14.24 -4.27 -17.93
N ILE A 222 15.37 -3.92 -18.52
CA ILE A 222 16.63 -4.40 -17.97
C ILE A 222 17.28 -3.43 -16.97
N ILE A 223 16.80 -3.50 -15.73
CA ILE A 223 17.27 -2.67 -14.63
C ILE A 223 18.77 -2.90 -14.52
N SER A 224 19.55 -1.86 -14.22
CA SER A 224 20.99 -2.04 -14.17
C SER A 224 21.80 -1.12 -13.28
N ASP A 225 21.17 -0.07 -12.76
CA ASP A 225 21.89 0.86 -11.90
C ASP A 225 21.95 0.29 -10.49
N MET A 226 21.79 -1.02 -10.37
CA MET A 226 21.82 -1.67 -9.07
C MET A 226 23.05 -2.53 -8.87
N CYS A 227 23.51 -2.57 -7.61
CA CYS A 227 24.67 -3.35 -7.20
C CYS A 227 24.19 -4.72 -6.72
N LEU A 228 25.02 -5.75 -6.92
CA LEU A 228 24.68 -7.11 -6.52
C LEU A 228 25.70 -7.70 -5.54
N GLU A 229 25.37 -7.76 -4.25
CA GLU A 229 26.30 -8.33 -3.26
C GLU A 229 26.05 -9.81 -3.04
N ILE A 230 27.12 -10.60 -3.11
CA ILE A 230 27.07 -12.05 -2.90
C ILE A 230 28.33 -12.47 -2.18
N GLY A 231 28.16 -12.97 -0.96
CA GLY A 231 29.28 -13.42 -0.16
C GLY A 231 30.28 -12.33 0.16
N GLY A 232 29.83 -11.10 0.21
CA GLY A 232 30.74 -10.03 0.53
C GLY A 232 31.30 -9.30 -0.68
N ILE A 233 31.36 -9.98 -1.83
CA ILE A 233 31.87 -9.32 -3.03
C ILE A 233 30.76 -8.39 -3.51
N ARG A 234 31.13 -7.22 -3.98
CA ARG A 234 30.14 -6.23 -4.44
C ARG A 234 30.19 -5.98 -5.93
N TYR A 235 29.29 -6.60 -6.67
CA TYR A 235 29.23 -6.46 -8.13
C TYR A 235 28.46 -5.22 -8.56
N MET A 236 29.10 -4.06 -8.48
CA MET A 236 28.46 -2.81 -8.85
C MET A 236 27.82 -2.73 -10.21
N ALA A 237 28.10 -3.68 -11.09
CA ALA A 237 27.48 -3.65 -12.41
C ALA A 237 27.01 -5.03 -12.75
N ALA A 238 25.70 -5.23 -12.73
CA ALA A 238 25.13 -6.55 -13.01
C ALA A 238 23.71 -6.46 -13.47
N PRO A 239 23.49 -6.17 -14.76
CA PRO A 239 22.16 -6.06 -15.33
C PRO A 239 21.31 -7.30 -15.10
N PHE A 240 20.00 -7.10 -14.94
CA PHE A 240 19.08 -8.20 -14.76
C PHE A 240 17.72 -7.79 -15.30
N ASN A 241 16.88 -8.77 -15.61
CA ASN A 241 15.57 -8.46 -16.15
C ASN A 241 14.64 -9.66 -16.09
N GLY A 242 13.36 -9.37 -15.97
CA GLY A 242 12.36 -10.42 -15.96
C GLY A 242 11.44 -9.95 -17.05
N TRP A 243 10.14 -10.08 -16.86
CA TRP A 243 9.19 -9.59 -17.85
C TRP A 243 8.20 -8.66 -17.15
N TYR A 244 7.75 -7.66 -17.88
CA TYR A 244 6.82 -6.67 -17.37
C TYR A 244 5.48 -7.18 -16.86
N MET A 245 4.82 -6.37 -16.04
CA MET A 245 3.51 -6.68 -15.48
C MET A 245 2.55 -5.55 -15.84
N GLY A 246 1.62 -5.83 -16.75
CA GLY A 246 0.64 -4.82 -17.20
C GLY A 246 0.55 -3.53 -16.42
N THR A 247 0.23 -3.65 -15.13
CA THR A 247 0.12 -2.53 -14.22
C THR A 247 1.34 -1.61 -14.26
N GLU A 248 2.53 -2.20 -14.32
CA GLU A 248 3.76 -1.42 -14.38
C GLU A 248 3.68 -0.32 -15.43
N ILE A 249 3.38 -0.72 -16.66
CA ILE A 249 3.31 0.23 -17.75
C ILE A 249 2.01 1.01 -17.75
N GLY A 250 0.90 0.29 -17.59
CA GLY A 250 -0.40 0.92 -17.61
C GLY A 250 -0.90 1.62 -16.37
N ALA A 251 -0.34 1.30 -15.20
CA ALA A 251 -0.79 1.91 -13.95
C ALA A 251 0.20 2.88 -13.35
N ARG A 252 1.40 2.90 -13.88
CA ARG A 252 2.44 3.79 -13.37
C ARG A 252 3.10 4.62 -14.46
N ASN A 253 3.86 3.97 -15.33
CA ASN A 253 4.54 4.66 -16.42
C ASN A 253 3.60 5.48 -17.26
N PHE A 254 2.42 4.94 -17.56
CA PHE A 254 1.40 5.61 -18.37
C PHE A 254 0.31 6.45 -17.65
N ALA A 255 0.00 6.16 -16.39
CA ALA A 255 -1.07 6.88 -15.69
C ALA A 255 -0.72 7.91 -14.63
N ASP A 256 0.56 8.01 -14.26
CA ASP A 256 0.97 8.98 -13.24
C ASP A 256 1.12 10.38 -13.75
N ASP A 257 0.67 11.33 -12.93
CA ASP A 257 0.76 12.75 -13.21
C ASP A 257 2.15 13.10 -13.73
N TYR A 258 3.13 12.90 -12.86
CA TYR A 258 4.51 13.21 -13.17
C TYR A 258 5.16 12.45 -14.31
N ARG A 259 4.59 11.32 -14.70
CA ARG A 259 5.17 10.57 -15.80
C ARG A 259 4.40 10.99 -17.05
N TYR A 260 4.04 10.02 -17.89
CA TYR A 260 3.29 10.31 -19.13
C TYR A 260 1.86 10.78 -18.93
N ASN A 261 1.44 10.94 -17.68
CA ASN A 261 0.08 11.37 -17.31
C ASN A 261 -0.96 11.21 -18.43
N MET A 262 -1.29 9.96 -18.72
CA MET A 262 -2.23 9.65 -19.79
C MET A 262 -3.70 9.41 -19.44
N LEU A 263 -4.03 9.31 -18.15
CA LEU A 263 -5.41 9.02 -17.78
C LEU A 263 -6.53 9.91 -18.36
N PRO A 264 -6.44 11.25 -18.20
CA PRO A 264 -7.49 12.14 -18.75
C PRO A 264 -7.79 11.99 -20.24
N LYS A 265 -6.77 12.05 -21.10
CA LYS A 265 -6.97 11.90 -22.53
C LYS A 265 -7.67 10.57 -22.80
N VAL A 266 -7.24 9.54 -22.06
CA VAL A 266 -7.82 8.21 -22.18
C VAL A 266 -9.30 8.26 -21.88
N ALA A 267 -9.64 8.87 -20.75
CA ALA A 267 -11.00 9.01 -20.29
C ALA A 267 -11.81 9.78 -21.31
N SER A 268 -11.28 10.94 -21.70
CA SER A 268 -11.93 11.79 -22.69
C SER A 268 -12.32 10.96 -23.90
N CYS A 269 -11.33 10.53 -24.68
CA CYS A 269 -11.59 9.73 -25.85
C CYS A 269 -12.62 8.63 -25.57
N MET A 270 -12.62 8.07 -24.36
CA MET A 270 -13.59 7.02 -24.06
C MET A 270 -14.93 7.53 -23.51
N GLY A 271 -15.27 8.77 -23.88
CA GLY A 271 -16.53 9.37 -23.50
C GLY A 271 -16.90 9.73 -22.07
N LEU A 272 -16.07 9.40 -21.08
CA LEU A 272 -16.41 9.73 -19.70
C LEU A 272 -16.24 11.22 -19.41
N ASP A 273 -16.84 11.69 -18.31
CA ASP A 273 -16.72 13.11 -17.97
C ASP A 273 -15.72 13.34 -16.82
N THR A 274 -14.72 14.17 -17.10
CA THR A 274 -13.67 14.48 -16.14
C THR A 274 -14.09 15.50 -15.07
N ASN A 275 -15.28 16.07 -15.26
CA ASN A 275 -15.82 17.07 -14.34
C ASN A 275 -15.87 16.65 -12.87
N SER A 276 -16.46 15.49 -12.60
CA SER A 276 -16.62 14.97 -11.26
C SER A 276 -15.87 13.68 -10.93
N ASN A 277 -15.19 13.67 -9.78
CA ASN A 277 -14.45 12.50 -9.33
C ASN A 277 -15.36 11.34 -8.97
N ALA A 278 -16.52 11.67 -8.40
CA ALA A 278 -17.50 10.68 -7.96
C ALA A 278 -18.01 9.76 -9.07
N SER A 279 -17.55 9.98 -10.30
CA SER A 279 -17.96 9.14 -11.42
C SER A 279 -16.87 8.12 -11.60
N LEU A 280 -15.76 8.36 -10.93
CA LEU A 280 -14.63 7.47 -10.99
C LEU A 280 -14.09 7.28 -12.39
N TRP A 281 -14.04 8.35 -13.16
CA TRP A 281 -13.51 8.27 -14.52
C TRP A 281 -12.05 7.86 -14.43
N LYS A 282 -11.33 8.37 -13.45
CA LYS A 282 -9.93 8.03 -13.27
C LYS A 282 -9.76 6.52 -13.31
N ASP A 283 -10.52 5.84 -12.45
CA ASP A 283 -10.51 4.39 -12.32
C ASP A 283 -10.89 3.61 -13.57
N LYS A 284 -12.01 3.98 -14.20
CA LYS A 284 -12.45 3.29 -15.41
C LYS A 284 -11.34 3.35 -16.44
N ALA A 285 -10.74 4.52 -16.58
CA ALA A 285 -9.65 4.70 -17.51
C ALA A 285 -8.58 3.66 -17.21
N LEU A 286 -8.10 3.65 -15.97
CA LEU A 286 -7.07 2.71 -15.54
C LEU A 286 -7.32 1.31 -16.05
N VAL A 287 -8.55 0.84 -15.94
CA VAL A 287 -8.88 -0.48 -16.40
C VAL A 287 -8.53 -0.60 -17.90
N GLU A 288 -9.22 0.17 -18.72
CA GLU A 288 -8.98 0.15 -20.17
C GLU A 288 -7.51 0.38 -20.54
N LEU A 289 -6.87 1.33 -19.85
CA LEU A 289 -5.47 1.64 -20.13
C LEU A 289 -4.56 0.47 -19.80
N ASN A 290 -4.99 -0.39 -18.90
CA ASN A 290 -4.18 -1.55 -18.57
C ASN A 290 -4.61 -2.70 -19.45
N ILE A 291 -5.90 -2.74 -19.76
CA ILE A 291 -6.43 -3.76 -20.64
C ILE A 291 -5.64 -3.62 -21.93
N ALA A 292 -5.62 -2.38 -22.43
CA ALA A 292 -4.91 -2.07 -23.67
C ALA A 292 -3.46 -2.60 -23.67
N VAL A 293 -2.77 -2.45 -22.55
CA VAL A 293 -1.39 -2.90 -22.42
C VAL A 293 -1.26 -4.42 -22.40
N LEU A 294 -1.97 -5.09 -21.50
CA LEU A 294 -1.91 -6.54 -21.45
C LEU A 294 -2.25 -7.06 -22.82
N TYR A 295 -3.36 -6.55 -23.37
CA TYR A 295 -3.84 -6.93 -24.69
C TYR A 295 -2.75 -6.73 -25.74
N SER A 296 -2.28 -5.50 -25.85
CA SER A 296 -1.26 -5.16 -26.82
C SER A 296 -0.11 -6.15 -26.83
N TYR A 297 0.65 -6.21 -25.74
CA TYR A 297 1.80 -7.12 -25.62
C TYR A 297 1.59 -8.55 -26.13
N LYS A 298 0.53 -9.22 -25.68
CA LYS A 298 0.30 -10.57 -26.13
C LYS A 298 0.20 -10.55 -27.65
N LYS A 299 -0.65 -9.68 -28.20
CA LYS A 299 -0.83 -9.56 -29.64
C LYS A 299 0.47 -9.49 -30.42
N ALA A 300 1.50 -8.96 -29.78
CA ALA A 300 2.81 -8.81 -30.39
C ALA A 300 3.67 -10.02 -30.08
N GLY A 301 3.29 -10.75 -29.04
CA GLY A 301 4.04 -11.93 -28.67
C GLY A 301 5.03 -11.67 -27.55
N VAL A 302 4.98 -10.47 -26.98
CA VAL A 302 5.89 -10.15 -25.90
C VAL A 302 5.40 -10.78 -24.60
N SER A 303 6.34 -11.38 -23.88
CA SER A 303 6.04 -12.03 -22.62
C SER A 303 5.63 -11.00 -21.60
N ILE A 304 4.41 -11.15 -21.11
CA ILE A 304 3.85 -10.24 -20.12
C ILE A 304 3.03 -11.03 -19.11
N VAL A 305 2.72 -10.39 -17.98
CA VAL A 305 1.90 -10.98 -16.94
C VAL A 305 1.03 -9.92 -16.28
N ASP A 306 -0.22 -10.24 -16.02
CA ASP A 306 -1.11 -9.29 -15.38
C ASP A 306 -0.92 -9.39 -13.87
N HIS A 307 -1.35 -8.36 -13.15
CA HIS A 307 -1.19 -8.35 -11.70
C HIS A 307 -1.93 -9.47 -10.96
N HIS A 308 -3.00 -10.00 -11.52
CA HIS A 308 -3.67 -11.04 -10.79
C HIS A 308 -2.85 -12.31 -10.77
N THR A 309 -2.34 -12.71 -11.92
CA THR A 309 -1.54 -13.92 -12.04
C THR A 309 -0.26 -13.84 -11.20
N ALA A 310 0.41 -12.70 -11.23
CA ALA A 310 1.62 -12.54 -10.44
C ALA A 310 1.33 -12.91 -9.00
N ALA A 311 0.43 -12.17 -8.36
CA ALA A 311 0.05 -12.43 -6.99
C ALA A 311 -0.12 -13.93 -6.85
N ARG A 312 -1.01 -14.50 -7.66
CA ARG A 312 -1.23 -15.92 -7.60
C ARG A 312 0.06 -16.72 -7.67
N GLN A 313 0.98 -16.33 -8.55
CA GLN A 313 2.26 -17.04 -8.68
C GLN A 313 3.14 -16.72 -7.46
N PHE A 314 2.93 -15.56 -6.87
CA PHE A 314 3.69 -15.14 -5.71
C PHE A 314 3.20 -16.00 -4.55
N GLN A 315 1.91 -16.30 -4.56
CA GLN A 315 1.31 -17.14 -3.54
C GLN A 315 1.93 -18.54 -3.63
N LEU A 316 2.13 -19.03 -4.86
CA LEU A 316 2.74 -20.34 -5.10
C LEU A 316 4.15 -20.30 -4.57
N PHE A 317 4.79 -19.13 -4.72
CA PHE A 317 6.16 -18.92 -4.23
C PHE A 317 6.17 -19.05 -2.70
N GLU A 318 5.14 -18.51 -2.05
CA GLU A 318 5.05 -18.58 -0.61
C GLU A 318 4.87 -20.03 -0.20
N GLN A 319 4.02 -20.76 -0.91
CA GLN A 319 3.80 -22.15 -0.60
C GLN A 319 5.11 -22.90 -0.78
N GLN A 320 5.71 -22.77 -1.97
CA GLN A 320 6.96 -23.47 -2.26
C GLN A 320 8.08 -23.17 -1.27
N GLU A 321 8.23 -21.90 -0.91
CA GLU A 321 9.27 -21.49 0.02
C GLU A 321 9.16 -22.15 1.37
N LYS A 322 7.93 -22.44 1.79
CA LYS A 322 7.71 -23.09 3.06
C LYS A 322 7.97 -24.58 2.93
N ALA A 323 7.57 -25.15 1.81
CA ALA A 323 7.80 -26.56 1.56
C ALA A 323 9.30 -26.85 1.52
N ALA A 324 10.09 -25.77 1.45
CA ALA A 324 11.54 -25.88 1.40
C ALA A 324 12.14 -25.60 2.78
N GLY A 325 11.38 -24.92 3.62
CA GLY A 325 11.87 -24.65 4.96
C GLY A 325 12.28 -23.22 5.16
N ARG A 326 12.35 -22.46 4.06
CA ARG A 326 12.75 -21.06 4.16
C ARG A 326 11.54 -20.22 4.53
N HIS A 327 11.76 -19.14 5.28
CA HIS A 327 10.67 -18.26 5.63
C HIS A 327 10.67 -17.20 4.54
N VAL A 328 9.55 -16.52 4.36
CA VAL A 328 9.51 -15.54 3.30
C VAL A 328 9.54 -14.11 3.78
N THR A 329 10.36 -13.31 3.11
CA THR A 329 10.54 -11.90 3.41
C THR A 329 9.98 -11.05 2.29
N GLY A 330 9.40 -9.90 2.64
CA GLY A 330 8.84 -9.05 1.63
C GLY A 330 8.60 -7.61 2.03
N ASP A 331 8.09 -6.83 1.08
CA ASP A 331 7.79 -5.43 1.30
C ASP A 331 6.39 -5.13 0.74
N TRP A 332 5.42 -5.12 1.63
CA TRP A 332 4.02 -4.87 1.28
C TRP A 332 3.82 -3.64 0.40
N THR A 333 4.41 -2.52 0.80
CA THR A 333 4.30 -1.26 0.06
C THR A 333 4.70 -1.39 -1.40
N TRP A 334 5.54 -2.38 -1.68
CA TRP A 334 6.01 -2.64 -3.03
C TRP A 334 5.47 -3.91 -3.66
N LEU A 335 4.54 -4.58 -3.00
CA LEU A 335 4.02 -5.82 -3.56
C LEU A 335 2.62 -5.62 -4.06
N ILE A 336 1.84 -4.84 -3.32
CA ILE A 336 0.47 -4.58 -3.70
C ILE A 336 0.42 -4.01 -5.11
N PRO A 337 -0.26 -4.71 -6.01
CA PRO A 337 -0.34 -4.18 -7.36
C PRO A 337 -1.04 -2.84 -7.30
N PRO A 338 -0.52 -1.85 -8.03
CA PRO A 338 -1.03 -0.47 -8.08
C PRO A 338 -2.46 -0.33 -8.56
N LEU A 339 -3.11 -1.47 -8.81
CA LEU A 339 -4.48 -1.49 -9.29
C LEU A 339 -5.23 -2.58 -8.55
N SER A 340 -6.42 -2.24 -8.04
CA SER A 340 -7.25 -3.20 -7.31
C SER A 340 -6.39 -4.10 -6.42
N PRO A 341 -5.50 -3.48 -5.60
CA PRO A 341 -4.61 -4.24 -4.72
C PRO A 341 -5.32 -5.01 -3.62
N ALA A 342 -6.58 -4.68 -3.38
CA ALA A 342 -7.34 -5.36 -2.35
C ALA A 342 -7.95 -6.68 -2.87
N THR A 343 -7.58 -7.08 -4.08
CA THR A 343 -8.11 -8.33 -4.65
C THR A 343 -7.03 -9.38 -4.78
N THR A 344 -5.89 -9.11 -4.16
CA THR A 344 -4.74 -10.02 -4.13
C THR A 344 -4.54 -10.39 -2.68
N HIS A 345 -4.27 -11.66 -2.40
CA HIS A 345 -4.08 -12.09 -1.01
C HIS A 345 -3.04 -11.21 -0.29
N ILE A 346 -1.95 -10.90 -1.00
CA ILE A 346 -0.87 -10.09 -0.48
C ILE A 346 -1.38 -8.97 0.41
N PHE A 347 -2.33 -8.21 -0.11
CA PHE A 347 -2.92 -7.07 0.59
C PHE A 347 -3.54 -7.35 1.96
N HIS A 348 -3.99 -8.59 2.18
CA HIS A 348 -4.62 -8.95 3.44
C HIS A 348 -3.68 -9.64 4.41
N ARG A 349 -2.40 -9.60 4.10
CA ARG A 349 -1.42 -10.17 4.98
C ARG A 349 -0.26 -9.22 5.08
N SER A 350 0.63 -9.45 6.06
CA SER A 350 1.81 -8.61 6.26
C SER A 350 3.12 -9.41 6.05
N TYR A 351 4.20 -8.69 5.73
CA TYR A 351 5.49 -9.32 5.46
C TYR A 351 6.65 -8.72 6.25
N ASP A 352 7.69 -9.52 6.49
CA ASP A 352 8.89 -9.09 7.21
C ASP A 352 9.92 -8.53 6.24
N ASN A 353 10.13 -7.22 6.26
CA ASN A 353 11.05 -6.55 5.34
C ASN A 353 12.56 -6.71 5.60
N THR A 354 12.96 -7.76 6.31
CA THR A 354 14.40 -7.95 6.56
C THR A 354 15.12 -8.43 5.30
N MET A 355 16.24 -7.78 4.98
CA MET A 355 16.99 -8.13 3.79
C MET A 355 18.05 -9.20 4.05
N MET A 356 17.88 -10.34 3.40
CA MET A 356 18.84 -11.42 3.55
C MET A 356 19.68 -11.51 2.31
N LEU A 357 21.00 -11.63 2.50
CA LEU A 357 21.93 -11.72 1.39
C LEU A 357 21.94 -13.10 0.77
N PRO A 358 22.27 -13.21 -0.53
CA PRO A 358 22.58 -12.04 -1.37
C PRO A 358 21.32 -11.28 -1.70
N ASN A 359 21.47 -10.01 -2.08
CA ASN A 359 20.31 -9.19 -2.39
C ASN A 359 20.76 -8.12 -3.36
N PHE A 360 19.82 -7.29 -3.80
CA PHE A 360 20.13 -6.19 -4.71
C PHE A 360 19.97 -4.90 -3.93
N PHE A 361 20.87 -3.95 -4.19
CA PHE A 361 20.85 -2.67 -3.48
C PHE A 361 21.00 -1.49 -4.43
N TYR A 362 20.71 -0.29 -3.92
CA TYR A 362 20.84 0.93 -4.70
C TYR A 362 22.26 1.46 -4.58
N GLN A 363 22.59 2.43 -5.42
CA GLN A 363 23.91 3.03 -5.37
C GLN A 363 23.89 4.43 -6.00
N ASP A 364 24.57 5.36 -5.34
CA ASP A 364 24.64 6.75 -5.80
C ASP A 364 24.78 6.86 -7.31
N ARG A 365 24.04 7.79 -7.88
CA ARG A 365 24.07 8.00 -9.31
C ARG A 365 25.14 9.02 -9.66
N PRO A 366 26.19 8.59 -10.38
CA PRO A 366 27.34 9.38 -10.85
C PRO A 366 26.96 10.69 -11.56
N TYR A 367 25.82 10.69 -12.23
CA TYR A 367 25.34 11.84 -12.96
C TYR A 367 24.57 12.85 -12.09
N GLU A 368 24.78 12.78 -10.78
CA GLU A 368 24.11 13.68 -9.85
C GLU A 368 24.98 14.12 -8.68
N GLN B 11 6.29 5.31 37.41
CA GLN B 11 5.45 4.08 37.48
C GLN B 11 4.03 4.33 36.99
N HIS B 12 3.06 4.52 37.90
CA HIS B 12 1.68 4.73 37.43
C HIS B 12 1.04 6.12 37.62
N ASP B 13 1.08 6.68 38.82
CA ASP B 13 0.45 7.99 39.03
C ASP B 13 1.31 9.19 38.69
N GLU B 14 2.64 9.02 38.76
CA GLU B 14 3.54 10.10 38.41
C GLU B 14 3.52 10.19 36.89
N GLN B 15 3.51 9.01 36.27
CA GLN B 15 3.48 8.87 34.82
C GLN B 15 2.30 9.71 34.30
N LEU B 16 1.20 9.67 35.03
CA LEU B 16 0.00 10.42 34.68
C LEU B 16 0.24 11.93 34.60
N MET B 17 0.86 12.50 35.62
CA MET B 17 1.11 13.93 35.61
C MET B 17 2.00 14.31 34.42
N THR B 18 2.98 13.46 34.14
CA THR B 18 3.87 13.69 33.01
C THR B 18 2.98 13.87 31.77
N LYS B 19 2.11 12.89 31.51
CA LYS B 19 1.22 12.96 30.36
C LYS B 19 0.24 14.13 30.48
N ALA B 20 -0.31 14.29 31.68
CA ALA B 20 -1.27 15.36 31.95
C ALA B 20 -0.71 16.76 31.71
N GLU B 21 0.57 16.95 31.98
CA GLU B 21 1.19 18.24 31.76
C GLU B 21 1.39 18.41 30.27
N GLN B 22 2.21 17.52 29.70
CA GLN B 22 2.52 17.54 28.29
C GLN B 22 1.30 17.94 27.51
N PHE B 23 0.13 17.53 28.01
CA PHE B 23 -1.13 17.84 27.36
C PHE B 23 -1.69 19.26 27.46
N ILE B 24 -1.93 19.74 28.68
CA ILE B 24 -2.50 21.09 28.86
C ILE B 24 -1.67 22.16 28.16
N ILE B 25 -0.39 21.90 28.01
CA ILE B 25 0.51 22.87 27.39
C ILE B 25 0.15 23.08 25.93
N ALA B 26 0.47 22.09 25.09
CA ALA B 26 0.17 22.17 23.66
C ALA B 26 -1.32 22.40 23.45
N SER B 27 -2.11 21.79 24.34
CA SER B 27 -3.56 21.86 24.32
C SER B 27 -4.04 23.31 24.42
N TYR B 28 -3.53 24.02 25.41
CA TYR B 28 -3.88 25.42 25.63
C TYR B 28 -3.22 26.29 24.57
N ARG B 29 -1.98 25.97 24.24
CA ARG B 29 -1.22 26.71 23.23
C ARG B 29 -2.07 27.08 22.02
N GLU B 30 -2.46 26.06 21.25
CA GLU B 30 -3.25 26.18 20.03
C GLU B 30 -4.55 26.98 20.06
N LEU B 31 -5.49 26.52 20.88
CA LEU B 31 -6.79 27.17 20.99
C LEU B 31 -6.60 28.67 21.12
N GLY B 32 -5.39 29.05 21.51
CA GLY B 32 -5.06 30.45 21.65
C GLY B 32 -5.43 31.12 22.95
N LYS B 33 -4.82 30.72 24.04
CA LYS B 33 -5.11 31.39 25.30
C LYS B 33 -3.85 31.99 25.92
N SER B 34 -3.55 31.66 27.17
CA SER B 34 -2.38 32.26 27.77
C SER B 34 -1.78 31.57 28.97
N GLU B 35 -0.50 31.24 28.86
CA GLU B 35 0.25 30.58 29.91
C GLU B 35 -0.36 30.83 31.31
N GLN B 36 -0.71 32.09 31.62
CA GLN B 36 -1.34 32.33 32.92
C GLN B 36 -2.61 31.49 32.89
N GLU B 37 -2.49 30.26 33.38
CA GLU B 37 -3.57 29.26 33.43
C GLU B 37 -2.90 27.90 33.27
N ILE B 38 -2.42 27.61 32.05
CA ILE B 38 -1.73 26.34 31.84
C ILE B 38 -0.92 26.21 33.13
N LYS B 39 -0.38 27.35 33.48
CA LYS B 39 0.46 27.55 34.64
C LYS B 39 -0.33 27.30 35.92
N ARG B 40 -1.53 27.88 35.98
CA ARG B 40 -2.41 27.79 37.16
C ARG B 40 -3.42 26.64 37.27
N ARG B 41 -3.92 26.14 36.15
CA ARG B 41 -4.88 25.03 36.17
C ARG B 41 -4.21 23.67 35.94
N VAL B 42 -2.88 23.68 35.80
CA VAL B 42 -2.09 22.47 35.62
C VAL B 42 -1.67 22.02 37.03
N ASN B 43 -1.96 22.90 37.98
CA ASN B 43 -1.61 22.71 39.39
C ASN B 43 -2.63 21.89 40.16
N GLU B 44 -3.89 22.24 40.01
CA GLU B 44 -4.97 21.54 40.72
C GLU B 44 -5.01 20.07 40.31
N ILE B 45 -4.29 19.74 39.25
CA ILE B 45 -4.24 18.37 38.75
C ILE B 45 -3.08 17.62 39.42
N ARG B 46 -2.27 18.35 40.18
CA ARG B 46 -1.14 17.77 40.90
C ARG B 46 -1.65 17.24 42.26
N TRP B 47 -2.55 18.00 42.86
CA TRP B 47 -3.13 17.64 44.15
C TRP B 47 -4.27 16.65 43.97
N GLU B 48 -5.13 16.91 42.98
CA GLU B 48 -6.27 16.04 42.71
C GLU B 48 -5.82 14.63 42.35
N VAL B 49 -4.51 14.45 42.13
CA VAL B 49 -3.99 13.14 41.80
C VAL B 49 -3.33 12.58 43.07
N GLU B 50 -3.09 13.45 44.03
CA GLU B 50 -2.47 13.08 45.30
C GLU B 50 -3.54 12.72 46.33
N GLN B 51 -4.78 13.12 46.05
CA GLN B 51 -5.90 12.83 46.94
C GLN B 51 -6.71 11.63 46.46
N THR B 52 -7.26 11.74 45.25
CA THR B 52 -8.06 10.66 44.65
C THR B 52 -7.16 9.66 43.94
N GLY B 53 -6.57 10.10 42.83
CA GLY B 53 -5.69 9.24 42.05
C GLY B 53 -5.78 9.48 40.56
N THR B 54 -6.26 10.67 40.17
CA THR B 54 -6.42 11.05 38.78
C THR B 54 -7.07 12.44 38.78
N TYR B 55 -7.94 12.68 37.81
CA TYR B 55 -8.65 13.95 37.77
C TYR B 55 -9.74 13.96 36.70
N ARG B 56 -10.29 15.13 36.44
CA ARG B 56 -11.34 15.25 35.45
C ARG B 56 -11.12 16.45 34.55
N HIS B 57 -11.40 16.28 33.28
CA HIS B 57 -11.22 17.32 32.28
C HIS B 57 -12.28 18.40 32.35
N THR B 58 -12.22 19.30 31.39
CA THR B 58 -13.19 20.39 31.29
C THR B 58 -13.86 20.24 29.93
N TYR B 59 -15.06 20.80 29.79
CA TYR B 59 -15.80 20.72 28.54
C TYR B 59 -14.89 21.20 27.44
N GLU B 60 -14.10 22.22 27.74
CA GLU B 60 -13.19 22.81 26.77
C GLU B 60 -12.02 21.89 26.46
N GLU B 61 -11.59 21.13 27.47
CA GLU B 61 -10.45 20.24 27.31
C GLU B 61 -10.67 18.94 26.54
N LEU B 62 -11.60 18.09 26.97
CA LEU B 62 -11.79 16.84 26.23
C LEU B 62 -12.40 17.08 24.86
N SER B 63 -13.13 18.17 24.70
CA SER B 63 -13.68 18.47 23.39
C SER B 63 -12.48 18.56 22.44
N TYR B 64 -11.76 19.67 22.52
CA TYR B 64 -10.61 19.87 21.67
C TYR B 64 -9.67 18.67 21.74
N GLY B 65 -9.30 18.26 22.96
CA GLY B 65 -8.40 17.13 23.14
C GLY B 65 -8.82 15.85 22.43
N ALA B 66 -10.12 15.75 22.10
CA ALA B 66 -10.66 14.59 21.40
C ALA B 66 -10.41 14.84 19.92
N LYS B 67 -10.65 16.08 19.52
CA LYS B 67 -10.44 16.50 18.16
C LYS B 67 -8.95 16.38 17.83
N MET B 68 -8.12 16.50 18.86
CA MET B 68 -6.70 16.39 18.68
C MET B 68 -6.43 14.96 18.29
N ALA B 69 -7.02 14.04 19.05
CA ALA B 69 -6.86 12.61 18.80
C ALA B 69 -7.19 12.31 17.35
N TRP B 70 -8.31 12.82 16.90
CA TRP B 70 -8.72 12.60 15.52
C TRP B 70 -7.60 13.11 14.65
N ARG B 71 -7.21 14.35 14.88
CA ARG B 71 -6.15 14.98 14.11
C ARG B 71 -4.89 14.12 14.12
N HIS B 72 -4.65 13.44 15.24
CA HIS B 72 -3.48 12.58 15.39
C HIS B 72 -3.65 11.18 14.85
N SER B 73 -4.77 10.95 14.17
CA SER B 73 -5.05 9.64 13.59
C SER B 73 -4.13 9.40 12.39
N ASN B 74 -3.13 8.54 12.59
CA ASN B 74 -2.19 8.24 11.53
C ASN B 74 -2.87 7.47 10.42
N ARG B 75 -3.96 6.81 10.75
CA ARG B 75 -4.65 5.99 9.76
C ARG B 75 -5.90 6.58 9.15
N CYS B 76 -6.08 7.89 9.30
CA CYS B 76 -7.27 8.53 8.78
C CYS B 76 -7.11 9.62 7.73
N ILE B 77 -7.71 9.34 6.58
CA ILE B 77 -7.71 10.19 5.40
C ILE B 77 -8.69 11.34 5.57
N GLY B 78 -9.50 11.27 6.62
CA GLY B 78 -10.50 12.30 6.85
C GLY B 78 -10.20 13.25 8.00
N ARG B 79 -8.97 13.75 8.00
CA ARG B 79 -8.53 14.66 9.02
C ARG B 79 -8.70 16.13 8.60
N LEU B 80 -9.18 16.35 7.39
CA LEU B 80 -9.38 17.72 6.94
C LEU B 80 -10.47 18.40 7.75
N PHE B 81 -11.19 17.62 8.55
CA PHE B 81 -12.28 18.17 9.36
C PHE B 81 -12.13 17.83 10.83
N TRP B 82 -10.91 17.54 11.26
CA TRP B 82 -10.74 17.21 12.66
C TRP B 82 -11.40 18.25 13.56
N GLN B 83 -11.14 19.53 13.29
CA GLN B 83 -11.71 20.62 14.10
C GLN B 83 -13.19 20.95 13.92
N SER B 84 -13.99 19.96 13.53
CA SER B 84 -15.42 20.16 13.36
C SER B 84 -16.15 18.94 13.92
N LEU B 85 -15.44 18.22 14.78
CA LEU B 85 -15.94 17.03 15.44
C LEU B 85 -16.93 17.36 16.53
N HIS B 86 -18.22 17.14 16.28
CA HIS B 86 -19.22 17.44 17.30
C HIS B 86 -18.99 16.53 18.51
N VAL B 87 -18.44 17.07 19.59
CA VAL B 87 -18.22 16.25 20.77
C VAL B 87 -19.55 16.13 21.54
N ILE B 88 -19.59 15.25 22.53
CA ILE B 88 -20.78 15.03 23.36
C ILE B 88 -20.36 14.45 24.70
N ASP B 89 -20.47 15.27 25.74
CA ASP B 89 -20.10 14.89 27.07
C ASP B 89 -21.06 13.86 27.63
N ALA B 90 -20.57 12.97 28.49
CA ALA B 90 -21.41 11.95 29.08
C ALA B 90 -20.63 11.21 30.15
N ARG B 91 -19.81 11.96 30.88
CA ARG B 91 -19.01 11.38 31.94
C ARG B 91 -19.87 11.32 33.21
N GLU B 92 -21.15 11.60 33.03
CA GLU B 92 -22.12 11.60 34.12
C GLU B 92 -23.13 10.47 34.01
N ALA B 93 -22.86 9.53 33.15
CA ALA B 93 -23.74 8.39 33.00
C ALA B 93 -23.16 7.28 33.88
N VAL B 94 -24.02 6.54 34.58
CA VAL B 94 -23.54 5.46 35.42
C VAL B 94 -24.55 4.32 35.50
N THR B 95 -25.63 4.47 34.74
CA THR B 95 -26.66 3.45 34.71
C THR B 95 -26.66 2.80 33.32
N GLU B 96 -26.94 1.51 33.28
CA GLU B 96 -26.95 0.80 32.01
C GLU B 96 -28.02 1.41 31.11
N GLU B 97 -29.17 1.75 31.68
CA GLU B 97 -30.25 2.34 30.91
C GLU B 97 -29.81 3.68 30.33
N GLU B 98 -28.97 4.39 31.07
CA GLU B 98 -28.48 5.69 30.64
C GLU B 98 -27.48 5.52 29.49
N VAL B 99 -26.45 4.71 29.74
CA VAL B 99 -25.43 4.46 28.75
C VAL B 99 -26.03 4.04 27.41
N PHE B 100 -27.23 3.46 27.43
CA PHE B 100 -27.91 3.03 26.20
C PHE B 100 -28.56 4.17 25.41
N SER B 101 -29.28 5.04 26.10
CA SER B 101 -29.96 6.17 25.47
C SER B 101 -28.95 7.16 24.85
N TYR B 102 -27.78 7.26 25.46
CA TYR B 102 -26.75 8.13 24.93
C TYR B 102 -26.27 7.52 23.62
N LEU B 103 -26.13 6.19 23.62
CA LEU B 103 -25.70 5.46 22.43
C LEU B 103 -26.74 5.74 21.38
N PHE B 104 -28.00 5.65 21.76
CA PHE B 104 -29.09 5.90 20.85
C PHE B 104 -29.04 7.34 20.34
N HIS B 105 -28.60 8.25 21.20
CA HIS B 105 -28.49 9.64 20.79
C HIS B 105 -27.47 9.70 19.64
N HIS B 106 -26.25 9.30 19.95
CA HIS B 106 -25.16 9.33 19.00
C HIS B 106 -25.61 8.93 17.62
N ILE B 107 -26.42 7.87 17.56
CA ILE B 107 -26.90 7.39 16.30
C ILE B 107 -27.75 8.46 15.65
N GLU B 108 -28.83 8.88 16.30
CA GLU B 108 -29.72 9.89 15.72
C GLU B 108 -28.99 11.19 15.32
N VAL B 109 -28.31 11.81 16.27
CA VAL B 109 -27.59 13.06 16.00
C VAL B 109 -26.59 12.86 14.85
N ALA B 110 -25.78 11.81 14.93
CA ALA B 110 -24.80 11.53 13.88
C ALA B 110 -25.48 11.29 12.53
N THR B 111 -26.43 10.35 12.47
CA THR B 111 -27.13 10.02 11.23
C THR B 111 -27.85 11.26 10.72
N ASN B 112 -28.25 12.13 11.64
CA ASN B 112 -28.95 13.37 11.29
C ASN B 112 -29.86 13.24 10.07
N GLY B 113 -30.65 12.16 10.07
CA GLY B 113 -31.56 11.91 8.97
C GLY B 113 -30.87 11.93 7.62
N GLY B 114 -29.55 11.80 7.63
CA GLY B 114 -28.81 11.80 6.38
C GLY B 114 -27.53 12.61 6.38
N LYS B 115 -27.63 13.92 6.57
CA LYS B 115 -26.45 14.77 6.58
C LYS B 115 -25.60 14.46 7.80
N ILE B 116 -24.94 13.30 7.72
CA ILE B 116 -24.07 12.78 8.77
C ILE B 116 -23.25 13.84 9.48
N ARG B 117 -23.32 13.82 10.81
CA ARG B 117 -22.59 14.77 11.65
C ARG B 117 -21.43 14.07 12.35
N PRO B 118 -20.19 14.50 12.07
CA PRO B 118 -19.03 13.87 12.70
C PRO B 118 -19.10 14.05 14.20
N THR B 119 -19.57 13.02 14.91
CA THR B 119 -19.70 13.12 16.34
C THR B 119 -19.06 12.01 17.17
N ILE B 120 -18.72 12.35 18.42
CA ILE B 120 -18.12 11.44 19.39
C ILE B 120 -18.89 11.64 20.69
N THR B 121 -18.81 10.66 21.59
CA THR B 121 -19.48 10.68 22.89
C THR B 121 -18.53 10.10 23.92
N ILE B 122 -17.93 10.93 24.76
CA ILE B 122 -17.00 10.44 25.78
C ILE B 122 -17.72 9.92 27.03
N PHE B 123 -17.26 8.78 27.53
CA PHE B 123 -17.85 8.16 28.73
C PHE B 123 -16.93 8.22 29.94
N ARG B 124 -17.38 7.68 31.05
CA ARG B 124 -16.55 7.68 32.23
C ARG B 124 -15.34 6.81 31.86
N PRO B 125 -14.14 7.23 32.29
CA PRO B 125 -12.88 6.51 32.02
C PRO B 125 -12.62 5.21 32.77
N ASN B 126 -11.34 4.84 32.75
CA ASN B 126 -10.81 3.63 33.39
C ASN B 126 -11.74 2.42 33.40
N GLY B 127 -12.43 2.20 32.30
CA GLY B 127 -13.30 1.05 32.17
C GLY B 127 -14.55 0.99 33.01
N GLU B 128 -15.03 2.12 33.49
CA GLU B 128 -16.27 2.08 34.27
C GLU B 128 -17.40 1.75 33.29
N VAL B 129 -17.09 1.93 32.00
CA VAL B 129 -18.03 1.65 30.94
C VAL B 129 -17.22 0.94 29.88
N ARG B 130 -17.84 -0.06 29.25
CA ARG B 130 -17.18 -0.84 28.22
C ARG B 130 -18.16 -1.22 27.10
N ILE B 131 -18.02 -0.59 25.94
CA ILE B 131 -18.89 -0.94 24.85
C ILE B 131 -18.15 -2.04 24.13
N TRP B 132 -18.85 -3.15 23.92
CA TRP B 132 -18.28 -4.33 23.27
C TRP B 132 -18.19 -4.31 21.75
N ASN B 133 -19.25 -3.85 21.11
CA ASN B 133 -19.36 -3.78 19.66
C ASN B 133 -18.24 -2.99 18.98
N HIS B 134 -17.78 -3.48 17.82
CA HIS B 134 -16.74 -2.76 17.08
C HIS B 134 -17.42 -1.48 16.66
N GLN B 135 -18.57 -1.65 16.03
CA GLN B 135 -19.38 -0.53 15.59
C GLN B 135 -20.78 -0.70 16.17
N LEU B 136 -21.43 0.40 16.51
CA LEU B 136 -22.79 0.35 17.08
C LEU B 136 -23.72 -0.31 16.06
N ILE B 137 -23.71 0.21 14.83
CA ILE B 137 -24.53 -0.38 13.78
C ILE B 137 -23.56 -1.21 12.96
N ARG B 138 -23.78 -2.51 12.93
CA ARG B 138 -22.91 -3.43 12.20
C ARG B 138 -23.69 -4.74 11.99
N TYR B 139 -23.39 -5.48 10.93
CA TYR B 139 -24.10 -6.73 10.66
C TYR B 139 -23.48 -7.95 11.32
N ALA B 140 -24.35 -8.88 11.73
CA ALA B 140 -23.94 -10.12 12.40
C ALA B 140 -23.34 -11.14 11.44
N GLY B 141 -22.62 -12.12 11.98
CA GLY B 141 -22.02 -13.16 11.15
C GLY B 141 -22.30 -14.54 11.70
N TYR B 142 -22.53 -15.51 10.81
CA TYR B 142 -22.83 -16.88 11.22
C TYR B 142 -22.08 -17.93 10.40
N GLU B 143 -21.66 -19.01 11.03
CA GLU B 143 -21.05 -20.08 10.27
C GLU B 143 -22.03 -21.23 10.30
N THR B 144 -22.80 -21.35 9.22
CA THR B 144 -23.80 -22.39 9.08
C THR B 144 -23.16 -23.63 8.49
N GLU B 145 -23.72 -24.79 8.85
CA GLU B 145 -23.22 -26.08 8.36
C GLU B 145 -22.47 -25.84 7.06
N GLU B 146 -23.17 -25.95 5.95
CA GLU B 146 -22.51 -25.66 4.69
C GLU B 146 -22.85 -24.19 4.54
N GLY B 147 -21.81 -23.39 4.36
CA GLY B 147 -21.97 -21.95 4.21
C GLY B 147 -21.54 -21.11 5.41
N ILE B 148 -21.54 -19.79 5.19
CA ILE B 148 -21.19 -18.80 6.20
C ILE B 148 -22.14 -17.67 5.88
N ILE B 149 -22.78 -17.10 6.88
CA ILE B 149 -23.75 -16.04 6.64
C ILE B 149 -23.44 -14.71 7.30
N GLY B 150 -23.51 -13.64 6.52
CA GLY B 150 -23.24 -12.32 7.05
C GLY B 150 -21.82 -11.77 6.89
N ASP B 151 -21.31 -11.16 7.96
CA ASP B 151 -19.97 -10.56 7.99
C ASP B 151 -18.95 -11.42 8.78
N SER B 152 -18.18 -12.22 8.07
CA SER B 152 -17.20 -13.10 8.69
C SER B 152 -16.42 -12.39 9.78
N SER B 153 -16.40 -11.06 9.71
CA SER B 153 -15.68 -10.26 10.69
C SER B 153 -16.36 -10.24 12.04
N SER B 154 -17.69 -10.23 12.06
CA SER B 154 -18.40 -10.20 13.33
C SER B 154 -18.93 -11.55 13.77
N LEU B 155 -18.28 -12.61 13.28
CA LEU B 155 -18.66 -13.98 13.64
C LEU B 155 -18.44 -14.18 15.12
N THR B 156 -17.20 -14.03 15.54
CA THR B 156 -16.80 -14.19 16.93
C THR B 156 -17.67 -13.40 17.90
N PHE B 157 -17.78 -12.09 17.70
CA PHE B 157 -18.58 -11.24 18.57
C PHE B 157 -20.03 -11.73 18.62
N THR B 158 -20.63 -11.97 17.45
CA THR B 158 -22.01 -12.43 17.36
C THR B 158 -22.16 -13.68 18.21
N ARG B 159 -21.26 -14.63 18.02
CA ARG B 159 -21.33 -15.85 18.79
C ARG B 159 -21.56 -15.44 20.24
N ALA B 160 -20.85 -14.41 20.68
CA ALA B 160 -20.99 -13.93 22.05
C ALA B 160 -22.42 -13.44 22.33
N CYS B 161 -22.93 -12.56 21.46
CA CYS B 161 -24.28 -12.04 21.64
C CYS B 161 -25.31 -13.13 21.79
N GLU B 162 -25.15 -14.21 21.04
CA GLU B 162 -26.10 -15.32 21.12
C GLU B 162 -25.93 -16.02 22.47
N GLN B 163 -24.71 -16.01 22.96
CA GLN B 163 -24.38 -16.62 24.24
C GLN B 163 -25.11 -15.86 25.34
N LEU B 164 -25.29 -14.56 25.16
CA LEU B 164 -25.96 -13.76 26.16
C LEU B 164 -27.46 -13.76 26.00
N GLY B 165 -27.96 -14.64 25.15
CA GLY B 165 -29.40 -14.73 24.95
C GLY B 165 -29.97 -14.10 23.68
N TRP B 166 -29.19 -13.29 22.96
CA TRP B 166 -29.66 -12.67 21.71
C TRP B 166 -29.78 -13.72 20.61
N LYS B 167 -30.77 -13.56 19.74
CA LYS B 167 -30.99 -14.48 18.64
C LYS B 167 -31.26 -13.73 17.36
N GLY B 168 -30.57 -14.13 16.29
CA GLY B 168 -30.73 -13.45 15.02
C GLY B 168 -31.52 -14.19 13.96
N GLU B 169 -32.16 -13.44 13.07
CA GLU B 169 -32.94 -14.01 11.99
C GLU B 169 -32.02 -14.65 10.95
N LYS B 170 -30.75 -14.81 11.32
CA LYS B 170 -29.72 -15.42 10.47
C LYS B 170 -29.78 -15.10 8.97
N THR B 171 -29.73 -13.82 8.62
CA THR B 171 -29.76 -13.37 7.22
C THR B 171 -28.45 -12.61 6.97
N PRO B 172 -28.21 -12.16 5.72
CA PRO B 172 -26.98 -11.43 5.39
C PRO B 172 -26.81 -10.04 6.01
N PHE B 173 -27.91 -9.46 6.48
CA PHE B 173 -27.83 -8.12 7.06
C PHE B 173 -28.67 -7.96 8.33
N ASP B 174 -28.34 -8.71 9.38
CA ASP B 174 -29.06 -8.56 10.63
C ASP B 174 -28.33 -7.49 11.43
N VAL B 175 -29.09 -6.64 12.13
CA VAL B 175 -28.48 -5.59 12.94
C VAL B 175 -28.07 -6.15 14.29
N LEU B 176 -26.78 -6.12 14.55
CA LEU B 176 -26.27 -6.63 15.82
C LEU B 176 -26.87 -5.78 16.92
N PRO B 177 -26.89 -6.32 18.15
CA PRO B 177 -27.43 -5.59 19.29
C PRO B 177 -26.28 -4.85 20.00
N LEU B 178 -26.64 -3.81 20.73
CA LEU B 178 -25.66 -3.04 21.47
C LEU B 178 -25.39 -3.75 22.78
N VAL B 179 -24.17 -4.21 22.96
CA VAL B 179 -23.88 -4.89 24.19
C VAL B 179 -22.86 -4.09 24.95
N ILE B 180 -23.24 -3.64 26.14
CA ILE B 180 -22.36 -2.86 26.97
C ILE B 180 -22.09 -3.54 28.32
N GLN B 181 -21.04 -3.07 28.97
CA GLN B 181 -20.65 -3.56 30.27
C GLN B 181 -20.46 -2.30 31.10
N VAL B 182 -20.87 -2.34 32.37
CA VAL B 182 -20.74 -1.15 33.21
C VAL B 182 -20.35 -1.45 34.65
N GLY B 183 -19.55 -0.55 35.22
CA GLY B 183 -19.10 -0.73 36.59
C GLY B 183 -18.12 -1.87 36.70
N GLY B 184 -18.59 -3.09 36.46
CA GLY B 184 -17.69 -4.22 36.56
C GLY B 184 -18.13 -5.56 35.98
N GLN B 185 -19.43 -5.83 35.95
CA GLN B 185 -19.85 -7.13 35.42
C GLN B 185 -21.13 -7.18 34.61
N LYS B 186 -21.55 -8.40 34.31
CA LYS B 186 -22.76 -8.70 33.55
C LYS B 186 -22.98 -7.86 32.31
N PRO B 187 -22.59 -8.40 31.15
CA PRO B 187 -22.81 -7.62 29.93
C PRO B 187 -24.28 -7.70 29.61
N VAL B 188 -24.91 -6.55 29.47
CA VAL B 188 -26.31 -6.53 29.15
C VAL B 188 -26.45 -6.03 27.72
N TRP B 189 -27.54 -6.41 27.05
CA TRP B 189 -27.76 -5.96 25.69
C TRP B 189 -29.21 -5.59 25.48
N THR B 190 -29.46 -4.74 24.50
CA THR B 190 -30.81 -4.31 24.15
C THR B 190 -30.83 -3.99 22.66
N PRO B 191 -31.73 -4.64 21.90
CA PRO B 191 -31.81 -4.38 20.46
C PRO B 191 -32.09 -2.92 20.14
N ILE B 192 -31.44 -2.43 19.09
CA ILE B 192 -31.60 -1.04 18.66
C ILE B 192 -32.93 -0.83 17.95
N PRO B 193 -33.61 0.28 18.26
CA PRO B 193 -34.91 0.61 17.65
C PRO B 193 -34.75 0.64 16.13
N LYS B 194 -35.42 -0.26 15.43
CA LYS B 194 -35.31 -0.33 13.97
C LYS B 194 -35.30 1.07 13.36
N GLU B 195 -36.17 1.95 13.86
CA GLU B 195 -36.25 3.33 13.36
C GLU B 195 -34.90 4.06 13.29
N LEU B 196 -33.99 3.73 14.20
CA LEU B 196 -32.68 4.38 14.29
C LEU B 196 -31.59 3.95 13.30
N VAL B 197 -31.73 2.77 12.72
CA VAL B 197 -30.72 2.32 11.78
C VAL B 197 -31.17 2.64 10.37
N LEU B 198 -30.49 3.61 9.77
CA LEU B 198 -30.78 4.04 8.41
C LEU B 198 -30.00 3.15 7.47
N GLU B 199 -30.66 2.62 6.45
CA GLU B 199 -29.94 1.74 5.54
C GLU B 199 -30.06 2.11 4.07
N VAL B 200 -28.94 2.08 3.37
CA VAL B 200 -28.90 2.43 1.97
C VAL B 200 -28.85 1.20 1.09
N PRO B 201 -29.77 1.11 0.13
CA PRO B 201 -29.84 -0.03 -0.80
C PRO B 201 -28.94 0.25 -2.00
N ILE B 202 -28.04 -0.68 -2.28
CA ILE B 202 -27.12 -0.53 -3.38
C ILE B 202 -27.74 -0.87 -4.72
N GLU B 203 -27.79 0.10 -5.62
CA GLU B 203 -28.31 -0.12 -6.95
C GLU B 203 -27.47 0.66 -7.97
N HIS B 204 -27.45 0.20 -9.21
CA HIS B 204 -26.62 0.82 -10.25
C HIS B 204 -27.34 1.78 -11.22
N PRO B 205 -26.78 2.98 -11.40
CA PRO B 205 -27.28 4.05 -12.26
C PRO B 205 -27.52 3.65 -13.71
N GLU B 206 -26.74 2.69 -14.20
CA GLU B 206 -26.87 2.25 -15.57
C GLU B 206 -27.37 0.83 -15.63
N PHE B 207 -26.86 0.00 -14.73
CA PHE B 207 -27.25 -1.40 -14.68
C PHE B 207 -28.51 -1.60 -13.84
N PRO B 208 -29.69 -1.57 -14.49
CA PRO B 208 -30.94 -1.76 -13.77
C PRO B 208 -30.97 -3.08 -13.00
N TRP B 209 -30.21 -4.07 -13.46
CA TRP B 209 -30.18 -5.39 -12.83
C TRP B 209 -29.27 -5.48 -11.61
N PHE B 210 -28.70 -4.35 -11.23
CA PHE B 210 -27.82 -4.34 -10.08
C PHE B 210 -28.63 -4.49 -8.81
N ARG B 211 -29.68 -3.68 -8.67
CA ARG B 211 -30.50 -3.73 -7.47
C ARG B 211 -31.01 -5.14 -7.22
N ASP B 212 -30.90 -6.01 -8.21
CA ASP B 212 -31.36 -7.38 -8.05
C ASP B 212 -30.40 -8.20 -7.18
N LEU B 213 -29.19 -7.69 -6.96
CA LEU B 213 -28.22 -8.40 -6.11
C LEU B 213 -28.63 -8.23 -4.65
N GLN B 214 -29.70 -7.46 -4.45
CA GLN B 214 -30.24 -7.19 -3.13
C GLN B 214 -29.18 -7.02 -2.05
N LEU B 215 -28.36 -6.00 -2.23
CA LEU B 215 -27.29 -5.67 -1.30
C LEU B 215 -27.66 -4.36 -0.67
N LYS B 216 -27.29 -4.18 0.59
CA LYS B 216 -27.54 -2.90 1.27
C LYS B 216 -26.44 -2.68 2.29
N TRP B 217 -26.41 -1.49 2.90
CA TRP B 217 -25.42 -1.19 3.92
C TRP B 217 -25.87 -0.01 4.75
N TYR B 218 -25.48 0.03 6.02
CA TYR B 218 -25.85 1.12 6.90
C TYR B 218 -25.15 2.42 6.50
N ALA B 219 -25.41 3.50 7.23
CA ALA B 219 -24.80 4.78 6.87
C ALA B 219 -23.73 5.30 7.80
N VAL B 220 -23.83 4.99 9.08
CA VAL B 220 -22.82 5.53 9.98
C VAL B 220 -21.87 4.53 10.66
N PRO B 221 -20.58 4.57 10.27
CA PRO B 221 -19.57 3.70 10.83
C PRO B 221 -19.13 4.30 12.14
N ILE B 222 -19.84 3.96 13.21
CA ILE B 222 -19.50 4.46 14.53
C ILE B 222 -18.67 3.41 15.25
N ILE B 223 -17.37 3.44 15.00
CA ILE B 223 -16.44 2.52 15.65
C ILE B 223 -16.64 2.78 17.13
N SER B 224 -16.66 1.74 17.95
CA SER B 224 -16.89 1.95 19.36
C SER B 224 -16.04 1.17 20.34
N ASP B 225 -14.99 0.50 19.85
CA ASP B 225 -14.16 -0.28 20.76
C ASP B 225 -12.73 0.18 20.97
N MET B 226 -12.45 1.44 20.65
CA MET B 226 -11.12 2.00 20.84
C MET B 226 -11.18 2.92 22.05
N CYS B 227 -10.10 3.01 22.83
CA CYS B 227 -10.10 3.91 23.98
C CYS B 227 -9.19 5.09 23.67
N LEU B 228 -9.78 6.27 23.51
CA LEU B 228 -8.99 7.44 23.16
C LEU B 228 -8.30 8.14 24.31
N GLU B 229 -7.02 7.87 24.48
CA GLU B 229 -6.26 8.51 25.53
C GLU B 229 -6.15 10.01 25.29
N ILE B 230 -6.11 10.76 26.38
CA ILE B 230 -6.00 12.21 26.34
C ILE B 230 -5.68 12.60 27.77
N GLY B 231 -4.61 13.37 27.95
CA GLY B 231 -4.23 13.77 29.29
C GLY B 231 -4.22 12.58 30.22
N GLY B 232 -3.51 11.53 29.84
CA GLY B 232 -3.42 10.35 30.67
C GLY B 232 -4.75 9.77 31.13
N ILE B 233 -5.84 10.09 30.44
CA ILE B 233 -7.12 9.53 30.82
C ILE B 233 -7.68 8.56 29.80
N ARG B 234 -7.81 7.32 30.23
CA ARG B 234 -8.29 6.27 29.29
C ARG B 234 -9.79 6.08 29.41
N TYR B 235 -10.51 6.68 28.38
CA TYR B 235 -11.97 6.59 28.30
C TYR B 235 -12.30 5.32 27.52
N MET B 236 -12.00 4.16 28.09
CA MET B 236 -12.28 2.89 27.43
C MET B 236 -13.50 2.96 26.52
N ALA B 237 -14.44 3.83 26.86
CA ALA B 237 -15.64 3.99 26.07
C ALA B 237 -15.69 5.40 25.51
N ALA B 238 -15.76 5.49 24.18
CA ALA B 238 -15.80 6.78 23.49
C ALA B 238 -15.99 6.64 21.99
N PRO B 239 -17.22 6.34 21.56
CA PRO B 239 -17.61 6.16 20.15
C PRO B 239 -17.42 7.39 19.29
N PHE B 240 -16.99 7.19 18.06
CA PHE B 240 -16.78 8.30 17.15
C PHE B 240 -17.11 7.87 15.72
N ASN B 241 -17.48 8.82 14.87
CA ASN B 241 -17.78 8.46 13.50
C ASN B 241 -17.51 9.58 12.53
N GLY B 242 -17.77 9.28 11.27
CA GLY B 242 -17.60 10.25 10.20
C GLY B 242 -18.61 9.80 9.16
N TRP B 243 -18.30 10.01 7.89
CA TRP B 243 -19.16 9.57 6.81
C TRP B 243 -18.29 8.67 5.96
N TYR B 244 -18.82 7.51 5.62
CA TYR B 244 -18.10 6.54 4.80
C TYR B 244 -17.37 7.12 3.60
N MET B 245 -16.51 6.29 3.02
CA MET B 245 -15.79 6.60 1.80
C MET B 245 -16.14 5.40 0.93
N GLY B 246 -16.59 5.65 -0.30
CA GLY B 246 -16.98 4.57 -1.21
C GLY B 246 -16.23 3.25 -1.08
N THR B 247 -14.91 3.31 -1.11
CA THR B 247 -14.07 2.12 -1.02
C THR B 247 -14.41 1.22 0.17
N GLU B 248 -14.34 1.78 1.37
CA GLU B 248 -14.64 1.02 2.59
C GLU B 248 -15.76 0.03 2.37
N ILE B 249 -16.81 0.48 1.69
CA ILE B 249 -17.96 -0.37 1.43
C ILE B 249 -17.90 -1.20 0.17
N GLY B 250 -17.75 -0.54 -0.97
CA GLY B 250 -17.72 -1.29 -2.22
C GLY B 250 -16.39 -1.83 -2.64
N ALA B 251 -15.37 -1.70 -1.80
CA ALA B 251 -14.04 -2.19 -2.16
C ALA B 251 -13.55 -3.23 -1.18
N ARG B 252 -13.93 -3.07 0.07
CA ARG B 252 -13.53 -4.01 1.11
C ARG B 252 -14.72 -4.86 1.60
N ASN B 253 -15.59 -4.24 2.40
CA ASN B 253 -16.76 -4.91 2.94
C ASN B 253 -17.55 -5.77 1.96
N PHE B 254 -17.64 -5.31 0.72
CA PHE B 254 -18.38 -6.02 -0.33
C PHE B 254 -17.49 -6.79 -1.31
N ALA B 255 -16.18 -6.57 -1.26
CA ALA B 255 -15.31 -7.22 -2.22
C ALA B 255 -14.42 -8.36 -1.75
N ASP B 256 -13.83 -8.23 -0.55
CA ASP B 256 -12.95 -9.29 -0.07
C ASP B 256 -13.64 -10.63 -0.18
N ASP B 257 -12.87 -11.68 -0.45
CA ASP B 257 -13.45 -12.99 -0.60
C ASP B 257 -14.03 -13.49 0.70
N TYR B 258 -13.54 -12.97 1.82
CA TYR B 258 -14.05 -13.38 3.12
C TYR B 258 -15.19 -12.50 3.57
N ARG B 259 -15.24 -11.27 3.08
CA ARG B 259 -16.35 -10.40 3.45
C ARG B 259 -17.50 -10.92 2.62
N TYR B 260 -18.24 -10.03 1.95
CA TYR B 260 -19.39 -10.46 1.16
C TYR B 260 -19.10 -11.03 -0.21
N ASN B 261 -17.83 -11.27 -0.51
CA ASN B 261 -17.40 -11.85 -1.79
C ASN B 261 -18.40 -11.55 -2.91
N MET B 262 -18.57 -10.26 -3.19
CA MET B 262 -19.51 -9.82 -4.21
C MET B 262 -18.96 -9.51 -5.58
N LEU B 263 -17.64 -9.64 -5.78
CA LEU B 263 -17.06 -9.33 -7.08
C LEU B 263 -17.50 -10.19 -8.26
N PRO B 264 -17.36 -11.53 -8.17
CA PRO B 264 -17.74 -12.45 -9.24
C PRO B 264 -19.19 -12.39 -9.73
N LYS B 265 -20.15 -12.16 -8.84
CA LYS B 265 -21.54 -12.09 -9.29
C LYS B 265 -21.83 -10.81 -10.04
N VAL B 266 -21.29 -9.69 -9.55
CA VAL B 266 -21.49 -8.42 -10.23
C VAL B 266 -20.85 -8.56 -11.60
N ALA B 267 -19.71 -9.25 -11.65
CA ALA B 267 -18.99 -9.45 -12.88
C ALA B 267 -19.84 -10.29 -13.81
N SER B 268 -20.42 -11.35 -13.27
CA SER B 268 -21.27 -12.24 -14.03
C SER B 268 -22.48 -11.43 -14.51
N CYS B 269 -23.26 -10.92 -13.57
CA CYS B 269 -24.43 -10.13 -13.93
C CYS B 269 -24.12 -9.06 -14.97
N MET B 270 -22.95 -8.43 -14.85
CA MET B 270 -22.59 -7.40 -15.81
C MET B 270 -21.96 -8.00 -17.07
N GLY B 271 -22.31 -9.26 -17.33
CA GLY B 271 -21.85 -9.97 -18.51
C GLY B 271 -20.40 -9.93 -18.97
N LEU B 272 -19.46 -10.01 -18.04
CA LEU B 272 -18.04 -10.01 -18.40
C LEU B 272 -17.56 -11.46 -18.42
N ASP B 273 -16.28 -11.66 -18.72
CA ASP B 273 -15.72 -13.01 -18.75
C ASP B 273 -14.87 -13.31 -17.51
N THR B 274 -15.41 -14.15 -16.63
CA THR B 274 -14.74 -14.55 -15.41
C THR B 274 -13.95 -15.84 -15.60
N ASN B 275 -13.42 -16.05 -16.80
CA ASN B 275 -12.64 -17.25 -17.10
C ASN B 275 -11.16 -16.92 -17.24
N SER B 276 -10.84 -15.63 -17.15
CA SER B 276 -9.45 -15.20 -17.27
C SER B 276 -9.15 -13.87 -16.63
N ASN B 277 -8.07 -13.85 -15.85
CA ASN B 277 -7.62 -12.66 -15.16
C ASN B 277 -6.99 -11.65 -16.11
N ALA B 278 -6.38 -12.13 -17.18
CA ALA B 278 -5.75 -11.25 -18.15
C ALA B 278 -6.80 -10.36 -18.81
N SER B 279 -8.04 -10.50 -18.33
CA SER B 279 -9.20 -9.74 -18.82
C SER B 279 -9.61 -8.73 -17.78
N LEU B 280 -8.88 -8.73 -16.69
CA LEU B 280 -9.14 -7.81 -15.59
C LEU B 280 -10.62 -7.75 -15.35
N TRP B 281 -11.26 -8.89 -15.11
CA TRP B 281 -12.68 -8.88 -14.87
C TRP B 281 -13.01 -8.44 -13.45
N LYS B 282 -12.11 -8.70 -12.52
CA LYS B 282 -12.32 -8.31 -11.13
C LYS B 282 -12.27 -6.79 -11.07
N ASP B 283 -11.35 -6.23 -11.83
CA ASP B 283 -11.15 -4.80 -11.85
C ASP B 283 -12.36 -4.06 -12.41
N LYS B 284 -12.78 -4.40 -13.62
CA LYS B 284 -13.95 -3.73 -14.19
C LYS B 284 -15.08 -3.80 -13.19
N ALA B 285 -15.14 -4.93 -12.49
CA ALA B 285 -16.17 -5.19 -11.48
C ALA B 285 -16.04 -4.29 -10.25
N LEU B 286 -14.79 -4.09 -9.80
CA LEU B 286 -14.55 -3.25 -8.64
C LEU B 286 -15.10 -1.87 -8.90
N VAL B 287 -14.73 -1.31 -10.05
CA VAL B 287 -15.17 0.02 -10.42
C VAL B 287 -16.69 0.07 -10.35
N GLU B 288 -17.35 -0.68 -11.22
CA GLU B 288 -18.82 -0.70 -11.27
C GLU B 288 -19.49 -0.98 -9.93
N LEU B 289 -18.81 -1.67 -9.03
CA LEU B 289 -19.41 -1.93 -7.73
C LEU B 289 -19.27 -0.67 -6.90
N ASN B 290 -18.13 0.00 -7.04
CA ASN B 290 -17.90 1.21 -6.29
C ASN B 290 -18.78 2.34 -6.80
N ILE B 291 -18.88 2.50 -8.11
CA ILE B 291 -19.74 3.53 -8.65
C ILE B 291 -21.15 3.23 -8.11
N ALA B 292 -21.46 1.95 -8.01
CA ALA B 292 -22.76 1.49 -7.51
C ALA B 292 -23.03 1.99 -6.10
N VAL B 293 -21.99 2.12 -5.28
CA VAL B 293 -22.15 2.60 -3.91
C VAL B 293 -22.35 4.10 -3.90
N LEU B 294 -21.35 4.81 -4.41
CA LEU B 294 -21.41 6.26 -4.44
C LEU B 294 -22.71 6.74 -5.03
N TYR B 295 -23.18 6.07 -6.08
CA TYR B 295 -24.43 6.46 -6.70
C TYR B 295 -25.56 6.31 -5.69
N SER B 296 -25.68 5.11 -5.14
CA SER B 296 -26.71 4.78 -4.16
C SER B 296 -26.74 5.70 -2.94
N TYR B 297 -25.63 5.77 -2.21
CA TYR B 297 -25.59 6.62 -1.04
C TYR B 297 -26.06 8.04 -1.32
N LYS B 298 -25.85 8.51 -2.53
CA LYS B 298 -26.27 9.85 -2.90
C LYS B 298 -27.77 9.91 -3.19
N LYS B 299 -28.31 8.87 -3.83
CA LYS B 299 -29.74 8.80 -4.14
C LYS B 299 -30.58 8.65 -2.87
N ALA B 300 -29.90 8.57 -1.74
CA ALA B 300 -30.55 8.40 -0.43
C ALA B 300 -30.32 9.63 0.43
N GLY B 301 -29.36 10.45 0.02
CA GLY B 301 -29.05 11.65 0.75
C GLY B 301 -28.20 11.38 1.96
N VAL B 302 -27.23 10.48 1.82
CA VAL B 302 -26.36 10.16 2.93
C VAL B 302 -24.92 10.60 2.66
N SER B 303 -24.36 11.33 3.62
CA SER B 303 -22.99 11.81 3.50
C SER B 303 -22.07 10.65 3.16
N ILE B 304 -21.20 10.87 2.18
CA ILE B 304 -20.23 9.86 1.75
C ILE B 304 -19.27 10.47 0.72
N VAL B 305 -17.98 10.18 0.88
CA VAL B 305 -16.96 10.71 -0.01
C VAL B 305 -16.27 9.63 -0.84
N ASP B 306 -15.76 10.04 -2.00
CA ASP B 306 -15.04 9.12 -2.86
C ASP B 306 -13.55 9.35 -2.59
N HIS B 307 -12.73 8.34 -2.84
CA HIS B 307 -11.29 8.43 -2.56
C HIS B 307 -10.53 9.53 -3.25
N HIS B 308 -10.90 9.82 -4.48
CA HIS B 308 -10.19 10.88 -5.18
C HIS B 308 -10.41 12.18 -4.46
N THR B 309 -11.67 12.46 -4.12
CA THR B 309 -12.04 13.68 -3.40
C THR B 309 -11.47 13.61 -1.98
N ALA B 310 -11.51 12.42 -1.38
CA ALA B 310 -11.02 12.24 -0.03
C ALA B 310 -9.52 12.54 0.11
N ALA B 311 -8.72 11.87 -0.69
CA ALA B 311 -7.28 12.06 -0.66
C ALA B 311 -6.94 13.53 -0.96
N ARG B 312 -7.78 14.16 -1.76
CA ARG B 312 -7.60 15.57 -2.11
C ARG B 312 -7.63 16.35 -0.81
N GLN B 313 -8.71 16.17 -0.07
CA GLN B 313 -8.91 16.86 1.19
C GLN B 313 -7.77 16.58 2.16
N PHE B 314 -7.40 15.32 2.28
CA PHE B 314 -6.32 14.94 3.19
C PHE B 314 -5.11 15.78 2.86
N GLN B 315 -4.89 16.01 1.56
CA GLN B 315 -3.78 16.80 1.06
C GLN B 315 -3.89 18.23 1.54
N LEU B 316 -5.12 18.73 1.63
CA LEU B 316 -5.37 20.07 2.14
C LEU B 316 -5.01 20.06 3.63
N PHE B 317 -5.44 19.02 4.33
CA PHE B 317 -5.12 18.85 5.75
C PHE B 317 -3.63 18.92 5.93
N GLU B 318 -2.91 18.43 4.94
CA GLU B 318 -1.47 18.45 4.99
C GLU B 318 -1.03 19.90 4.92
N GLN B 319 -1.49 20.61 3.90
CA GLN B 319 -1.13 22.00 3.75
C GLN B 319 -1.41 22.72 5.06
N GLN B 320 -2.69 22.82 5.42
CA GLN B 320 -3.09 23.50 6.65
C GLN B 320 -2.34 23.10 7.94
N GLU B 321 -1.78 21.90 7.96
CA GLU B 321 -1.02 21.45 9.14
C GLU B 321 0.36 22.05 9.15
N LYS B 322 0.93 22.25 7.97
CA LYS B 322 2.27 22.81 7.88
C LYS B 322 2.27 24.32 7.96
N ALA B 323 1.32 24.95 7.27
CA ALA B 323 1.19 26.40 7.28
C ALA B 323 0.86 26.86 8.70
N ALA B 324 0.36 25.94 9.51
CA ALA B 324 0.02 26.24 10.89
C ALA B 324 1.18 25.75 11.75
N GLY B 325 2.28 25.45 11.09
CA GLY B 325 3.47 25.01 11.81
C GLY B 325 3.42 23.72 12.60
N ARG B 326 2.66 22.74 12.10
CA ARG B 326 2.56 21.43 12.74
C ARG B 326 3.11 20.38 11.78
N HIS B 327 3.47 19.23 12.33
CA HIS B 327 3.99 18.14 11.51
C HIS B 327 2.84 17.16 11.27
N VAL B 328 2.77 16.61 10.07
CA VAL B 328 1.71 15.67 9.74
C VAL B 328 2.26 14.26 9.87
N THR B 329 1.53 13.41 10.59
CA THR B 329 1.93 12.02 10.78
C THR B 329 0.88 11.09 10.17
N GLY B 330 1.33 10.02 9.55
CA GLY B 330 0.39 9.09 8.97
C GLY B 330 0.89 7.67 8.80
N ASP B 331 0.01 6.81 8.31
CA ASP B 331 0.31 5.41 8.04
C ASP B 331 -0.04 5.19 6.59
N TRP B 332 0.94 5.35 5.72
CA TRP B 332 0.75 5.19 4.29
C TRP B 332 -0.09 3.98 3.93
N THR B 333 0.21 2.82 4.52
CA THR B 333 -0.53 1.59 4.21
C THR B 333 -2.02 1.65 4.52
N TRP B 334 -2.41 2.55 5.41
CA TRP B 334 -3.83 2.68 5.75
C TRP B 334 -4.44 3.82 5.00
N LEU B 335 -3.62 4.81 4.67
CA LEU B 335 -4.11 5.96 3.96
C LEU B 335 -4.48 5.64 2.50
N ILE B 336 -3.55 5.06 1.74
CA ILE B 336 -3.87 4.72 0.35
C ILE B 336 -5.16 3.89 0.22
N PRO B 337 -6.07 4.33 -0.66
CA PRO B 337 -7.36 3.67 -0.91
C PRO B 337 -7.16 2.31 -1.59
N PRO B 338 -8.12 1.38 -1.42
CA PRO B 338 -8.08 0.04 -2.00
C PRO B 338 -8.20 -0.07 -3.50
N LEU B 339 -8.61 1.00 -4.17
CA LEU B 339 -8.67 0.93 -5.61
C LEU B 339 -7.97 2.16 -6.15
N SER B 340 -7.17 1.97 -7.20
CA SER B 340 -6.42 3.03 -7.84
C SER B 340 -5.60 3.87 -6.86
N PRO B 341 -4.77 3.19 -6.05
CA PRO B 341 -3.99 3.97 -5.09
C PRO B 341 -2.94 4.89 -5.71
N ALA B 342 -2.58 4.68 -6.97
CA ALA B 342 -1.55 5.52 -7.60
C ALA B 342 -2.09 6.71 -8.37
N THR B 343 -3.28 7.16 -8.00
CA THR B 343 -3.92 8.29 -8.64
C THR B 343 -4.20 9.32 -7.56
N THR B 344 -3.56 9.12 -6.42
CA THR B 344 -3.69 10.01 -5.28
C THR B 344 -2.28 10.44 -4.87
N HIS B 345 -2.11 11.70 -4.48
CA HIS B 345 -0.78 12.16 -4.10
C HIS B 345 -0.18 11.24 -3.05
N ILE B 346 -1.04 10.75 -2.16
CA ILE B 346 -0.66 9.86 -1.08
C ILE B 346 0.35 8.81 -1.51
N PHE B 347 -0.15 7.79 -2.18
CA PHE B 347 0.67 6.71 -2.68
C PHE B 347 2.10 7.09 -3.08
N HIS B 348 2.28 8.29 -3.62
CA HIS B 348 3.59 8.74 -4.10
C HIS B 348 4.53 9.46 -3.14
N ARG B 349 4.18 9.54 -1.86
CA ARG B 349 5.08 10.20 -0.94
C ARG B 349 5.21 9.35 0.31
N SER B 350 6.10 9.73 1.22
CA SER B 350 6.26 8.97 2.45
C SER B 350 5.73 9.73 3.63
N TYR B 351 5.21 8.98 4.60
CA TYR B 351 4.62 9.53 5.81
C TYR B 351 5.32 9.10 7.10
N ASP B 352 5.01 9.78 8.21
CA ASP B 352 5.60 9.46 9.51
C ASP B 352 4.61 8.78 10.45
N ASN B 353 4.66 7.46 10.50
CA ASN B 353 3.77 6.69 11.34
C ASN B 353 4.23 6.74 12.79
N THR B 354 4.32 7.95 13.32
CA THR B 354 4.69 8.19 14.72
C THR B 354 3.39 8.54 15.42
N MET B 355 3.16 7.98 16.60
CA MET B 355 1.93 8.23 17.31
C MET B 355 1.97 9.44 18.23
N MET B 356 1.23 10.48 17.86
CA MET B 356 1.13 11.71 18.64
C MET B 356 -0.14 11.61 19.47
N LEU B 357 -0.02 11.67 20.79
CA LEU B 357 -1.22 11.58 21.59
C LEU B 357 -1.65 12.99 22.02
N PRO B 358 -2.94 13.16 22.36
CA PRO B 358 -4.03 12.18 22.41
C PRO B 358 -4.31 11.45 21.09
N ASN B 359 -4.68 10.17 21.19
CA ASN B 359 -4.99 9.38 20.01
C ASN B 359 -5.85 8.18 20.37
N PHE B 360 -6.41 7.54 19.35
CA PHE B 360 -7.25 6.36 19.53
C PHE B 360 -6.35 5.14 19.46
N PHE B 361 -6.68 4.13 20.23
CA PHE B 361 -5.89 2.90 20.27
C PHE B 361 -6.76 1.66 20.19
N TYR B 362 -6.11 0.49 20.14
CA TYR B 362 -6.84 -0.76 20.10
C TYR B 362 -6.96 -1.21 21.55
N GLN B 363 -7.73 -2.25 21.79
CA GLN B 363 -7.91 -2.79 23.15
C GLN B 363 -8.69 -4.11 23.10
N ASP B 364 -8.10 -5.13 23.73
CA ASP B 364 -8.64 -6.50 23.76
C ASP B 364 -10.15 -6.67 23.80
N ARG B 365 -10.63 -7.65 23.04
CA ARG B 365 -12.05 -7.96 22.91
C ARG B 365 -12.47 -8.97 23.98
N PRO B 366 -13.32 -8.52 24.92
CA PRO B 366 -13.88 -9.25 26.06
C PRO B 366 -14.52 -10.59 25.74
N TYR B 367 -14.72 -10.87 24.47
CA TYR B 367 -15.34 -12.12 24.06
C TYR B 367 -14.38 -13.11 23.38
N GLU B 368 -13.11 -12.75 23.25
CA GLU B 368 -12.16 -13.64 22.61
C GLU B 368 -11.09 -14.22 23.55
N ARG C . 8.89 -0.58 -12.95
CA ARG C . 10.03 -0.47 -13.90
C ARG C . 9.55 0.09 -15.22
O ARG C . 8.34 0.25 -15.41
CB ARG C . 10.64 -1.85 -14.15
CG ARG C . 11.13 -2.54 -12.92
CD ARG C . 11.38 -3.99 -13.22
NE ARG C . 10.15 -4.70 -13.55
CZ ARG C . 10.11 -5.98 -13.93
NH1 ARG C . 8.95 -6.56 -14.20
NH2 ARG C . 11.22 -6.68 -14.05
OXT ARG C . 10.42 0.35 -16.08
CHA HEM D . 10.86 -5.21 -8.55
CHB HEM D . 8.04 -8.13 -11.22
CHC HEM D . 11.98 -10.53 -12.67
CHD HEM D . 14.66 -8.13 -9.40
C1A HEM D . 9.76 -5.74 -9.22
C2A HEM D . 8.43 -5.12 -9.33
C3A HEM D . 7.67 -5.99 -10.03
C4A HEM D . 8.47 -7.12 -10.37
CMA HEM D . 6.22 -5.77 -10.43
CAA HEM D . 7.99 -3.73 -8.92
CBA HEM D . 8.43 -2.76 -10.02
CGA HEM D . 8.13 -1.31 -9.71
O1A HEM D . 8.81 -0.45 -10.29
O2A HEM D . 7.22 -1.02 -8.91
C1B HEM D . 8.84 -9.11 -11.78
C2B HEM D . 8.39 -10.01 -12.81
C3B HEM D . 9.49 -10.63 -13.28
C4B HEM D . 10.65 -10.14 -12.50
CMB HEM D . 6.94 -10.29 -13.20
CAB HEM D . 9.49 -11.49 -14.35
CBB HEM D . 9.68 -12.82 -14.15
C1C HEM D . 13.06 -10.06 -11.96
C2C HEM D . 14.42 -10.59 -12.04
C3C HEM D . 15.16 -9.99 -11.05
C4C HEM D . 14.27 -9.04 -10.41
CMC HEM D . 14.98 -11.57 -13.05
CAC HEM D . 16.46 -10.28 -10.61
CBC HEM D . 17.42 -11.12 -11.15
C1D HEM D . 13.84 -7.15 -8.82
C2D HEM D . 14.30 -6.14 -7.90
C3D HEM D . 13.26 -5.26 -7.72
C4D HEM D . 12.13 -5.78 -8.48
CMD HEM D . 15.65 -6.08 -7.18
CAD HEM D . 13.36 -3.93 -6.98
CBD HEM D . 13.39 -2.72 -7.90
CGD HEM D . 13.79 -1.45 -7.15
O1D HEM D . 13.76 -0.36 -7.77
O2D HEM D . 14.13 -1.57 -5.95
NA HEM D . 9.76 -6.96 -9.88
NB HEM D . 10.21 -9.20 -11.58
NC HEM D . 12.98 -9.10 -10.96
ND HEM D . 12.50 -6.95 -9.12
FE HEM D . 11.27 -8.31 -10.05
N ARG E . -14.20 0.70 7.23
CA ARG E . -15.16 0.40 8.31
C ARG E . -16.39 -0.18 7.65
O ARG E . -17.35 -0.54 8.35
CB ARG E . -15.51 1.68 9.03
CG ARG E . -14.33 2.34 9.67
CD ARG E . -14.67 3.75 10.00
NE ARG E . -14.87 4.51 8.77
CZ ARG E . -14.95 5.84 8.73
NH1 ARG E . -15.12 6.47 7.57
NH2 ARG E . -14.89 6.53 9.86
OXT ARG E . -16.37 -0.26 6.41
CHA HEM F . -9.72 5.15 9.98
CHB HEM F . -12.18 7.94 6.78
CHC HEM F . -13.82 10.71 10.42
CHD HEM F . -10.87 8.31 13.52
C1A HEM F . -10.33 5.60 8.77
C2A HEM F . -10.35 4.92 7.45
C3A HEM F . -11.02 5.73 6.60
C4A HEM F . -11.39 6.91 7.33
CMA HEM F . -11.48 5.47 5.16
CAA HEM F . -9.84 3.52 7.07
CBA HEM F . -10.94 2.60 7.50
CGA HEM F . -10.57 1.14 7.37
O1A HEM F . -11.07 0.32 8.18
O2A HEM F . -9.79 0.81 6.46
C1B HEM F . -12.77 9.02 7.46
C2B HEM F . -13.63 9.97 6.87
C3B HEM F . -14.15 10.73 7.84
C4B HEM F . -13.55 10.26 9.10
CMB HEM F . -13.83 10.17 5.37
CAB HEM F . -15.11 11.71 7.62
CBB HEM F . -14.84 13.07 7.75
C1C HEM F . -13.25 10.25 11.63
C2C HEM F . -13.52 10.77 12.97
C3C HEM F . -12.63 10.17 13.83
C4C HEM F . -11.87 9.23 13.03
CMC HEM F . -14.61 11.77 13.36
CAC HEM F . -12.29 10.47 15.14
CBC HEM F . -12.84 11.46 15.94
C1D HEM F . -10.11 7.31 12.77
C2D HEM F . -9.43 6.22 13.43
C3D HEM F . -9.19 5.29 12.45
C4D HEM F . -9.67 5.84 11.20
CMD HEM F . -8.95 6.21 14.89
CAD HEM F . -8.61 3.89 12.68
CBD HEM F . -9.61 2.75 12.67
CGD HEM F . -8.98 1.38 12.89
O1D HEM F . -9.69 0.36 12.71
O2D HEM F . -7.77 1.32 13.24
NA HEM F . -10.99 6.83 8.66
NB HEM F . -12.68 9.23 8.83
NC HEM F . -12.27 9.30 11.69
ND HEM F . -10.22 7.09 11.42
FE HEM F . -11.45 8.25 10.16
#